data_8D47
#
_entry.id   8D47
#
_cell.length_a   90.017
_cell.length_b   73.076
_cell.length_c   90.117
_cell.angle_alpha   90.000
_cell.angle_beta   109.010
_cell.angle_gamma   90.000
#
_symmetry.space_group_name_H-M   'P 1 21 1'
#
loop_
_entity.id
_entity.type
_entity.pdbx_description
1 polymer 'fp.006 light chain'
2 polymer 'fp.006 heavy chain'
3 polymer 'SARS-CoV-2 fusion peptide'
4 non-polymer DI(HYDROXYETHYL)ETHER
5 non-polymer 1,2-ETHANEDIOL
6 non-polymer 'PHOSPHATE ION'
7 water water
#
loop_
_entity_poly.entity_id
_entity_poly.type
_entity_poly.pdbx_seq_one_letter_code
_entity_poly.pdbx_strand_id
1 'polypeptide(L)'
;EIVMTQSPATLSVSPGERATLSCRASQSVSSSLAWYQHRFGQAPRLLISGASTRATGIPGRFSGSGSGTEFTLTISSLQS
EDVAVYYCQQYGDWPLVTFGGGTKVEIKRTVAAPSVFIFPPSDEQLKSGTASVVCLLNNFYPREAKVQWKVDNALQSGNS
QESVTEQDSKDSTYSLSSTLTLSKADYEKHKVYACEVTHQGLSSPVTKSFNRGEC
;
L,A
2 'polypeptide(L)'
;EVQLVESGGGVVQPGGSLRLSCAASGFNFNNYALHWVRQAPGKGLEWVAIISYEARNKKYGVSVMGRFSISRDNSKSIMY
LEMNSLRVEDTGVYYCARDLFLSDYDRSGYDPTRGGFDHWGQGTLVTVSSASTKGPSVFPLAPSSKSTSGGTAALGCLVK
DYFPEPVTVSWNSGALTSGVHTFPAVLQSSGLYSLSSVVTVPSSSLGTQTYICNVNHKPSNTKVDKRVEPKSCDKTHHHH
HH
;
H,B
3 'polypeptide(L)' PSKRSFIEDLLFNKVTLADA C,D
#
loop_
_chem_comp.id
_chem_comp.type
_chem_comp.name
_chem_comp.formula
EDO non-polymer 1,2-ETHANEDIOL 'C2 H6 O2'
PEG non-polymer DI(HYDROXYETHYL)ETHER 'C4 H10 O3'
PO4 non-polymer 'PHOSPHATE ION' 'O4 P -3'
#
# COMPACT_ATOMS: atom_id res chain seq x y z
N GLU A 1 18.71 -48.28 -5.71
CA GLU A 1 19.80 -49.25 -5.74
C GLU A 1 20.96 -48.75 -4.87
N ILE A 2 21.60 -47.65 -5.23
CA ILE A 2 22.59 -47.04 -4.33
C ILE A 2 21.89 -45.98 -3.51
N VAL A 3 21.92 -46.13 -2.20
CA VAL A 3 21.25 -45.20 -1.31
C VAL A 3 22.25 -44.18 -0.81
N MET A 4 21.90 -42.90 -0.94
CA MET A 4 22.72 -41.78 -0.49
C MET A 4 22.14 -41.23 0.81
N THR A 5 23.01 -41.01 1.78
CA THR A 5 22.59 -40.59 3.12
C THR A 5 23.40 -39.37 3.51
N GLN A 6 22.70 -38.27 3.74
CA GLN A 6 23.33 -37.00 4.07
C GLN A 6 23.22 -36.74 5.57
N SER A 7 24.21 -36.04 6.12
CA SER A 7 24.14 -35.63 7.51
C SER A 7 24.93 -34.33 7.69
N PRO A 8 24.59 -33.53 8.71
CA PRO A 8 23.40 -33.67 9.58
C PRO A 8 22.15 -33.32 8.77
N ALA A 9 20.94 -33.45 9.31
CA ALA A 9 19.77 -32.99 8.56
C ALA A 9 19.71 -31.46 8.50
N THR A 10 20.02 -30.79 9.60
CA THR A 10 20.11 -29.34 9.65
C THR A 10 21.49 -28.95 10.14
N LEU A 11 22.12 -28.01 9.44
CA LEU A 11 23.46 -27.52 9.79
C LEU A 11 23.36 -26.04 10.10
N SER A 12 23.74 -25.64 11.33
CA SER A 12 23.68 -24.25 11.77
C SER A 12 25.10 -23.69 11.86
N VAL A 13 25.38 -22.62 11.13
CA VAL A 13 26.73 -22.10 10.99
C VAL A 13 26.73 -20.60 11.19
N SER A 14 27.71 -20.09 11.92
CA SER A 14 27.79 -18.66 12.13
C SER A 14 28.12 -17.94 10.82
N PRO A 15 27.60 -16.73 10.63
CA PRO A 15 27.98 -15.92 9.47
C PRO A 15 29.48 -15.82 9.32
N GLY A 16 29.98 -16.03 8.10
CA GLY A 16 31.40 -16.00 7.83
C GLY A 16 32.19 -17.23 8.23
N GLU A 17 31.57 -18.20 8.90
CA GLU A 17 32.27 -19.42 9.27
C GLU A 17 32.03 -20.50 8.21
N ARG A 18 32.52 -21.71 8.46
CA ARG A 18 32.61 -22.75 7.46
C ARG A 18 31.57 -23.84 7.74
N ALA A 19 30.80 -24.21 6.71
CA ALA A 19 29.84 -25.30 6.80
C ALA A 19 30.42 -26.57 6.18
N THR A 20 30.38 -27.67 6.93
CA THR A 20 30.84 -28.97 6.43
C THR A 20 29.66 -29.92 6.36
N LEU A 21 29.30 -30.32 5.16
CA LEU A 21 28.22 -31.27 4.92
C LEU A 21 28.78 -32.64 4.52
N SER A 22 28.18 -33.71 5.02
CA SER A 22 28.62 -35.08 4.76
C SER A 22 27.59 -35.83 3.93
N CYS A 23 28.09 -36.72 3.05
CA CYS A 23 27.26 -37.59 2.22
C CYS A 23 27.89 -38.96 2.22
N ARG A 24 27.09 -40.02 2.41
CA ARG A 24 27.57 -41.39 2.39
C ARG A 24 26.82 -42.18 1.34
N ALA A 25 27.55 -42.94 0.51
CA ALA A 25 26.96 -43.86 -0.45
C ALA A 25 26.96 -45.26 0.12
N SER A 26 25.88 -46.00 -0.16
CA SER A 26 25.75 -47.34 0.41
C SER A 26 26.70 -48.33 -0.24
N GLN A 27 27.23 -48.00 -1.42
CA GLN A 27 28.35 -48.72 -1.99
C GLN A 27 29.15 -47.73 -2.82
N SER A 28 30.37 -48.12 -3.18
CA SER A 28 31.28 -47.20 -3.85
C SER A 28 30.63 -46.58 -5.08
N VAL A 29 30.81 -45.26 -5.21
CA VAL A 29 30.48 -44.55 -6.44
C VAL A 29 31.73 -43.91 -7.05
N SER A 30 32.92 -44.42 -6.69
CA SER A 30 34.17 -43.80 -7.12
C SER A 30 34.16 -42.29 -6.81
N SER A 31 34.30 -41.43 -7.81
CA SER A 31 34.07 -40.00 -7.55
C SER A 31 32.96 -39.45 -8.44
N SER A 32 31.98 -40.31 -8.80
CA SER A 32 30.81 -39.94 -9.60
C SER A 32 29.74 -39.35 -8.68
N LEU A 33 30.05 -38.18 -8.14
CA LEU A 33 29.20 -37.56 -7.14
C LEU A 33 29.05 -36.09 -7.42
N ALA A 34 27.81 -35.59 -7.34
CA ALA A 34 27.54 -34.17 -7.51
C ALA A 34 26.80 -33.59 -6.30
N TRP A 35 26.98 -32.29 -6.09
CA TRP A 35 26.30 -31.55 -5.04
C TRP A 35 25.49 -30.42 -5.65
N TYR A 36 24.30 -30.16 -5.08
CA TYR A 36 23.40 -29.12 -5.54
C TYR A 36 22.98 -28.23 -4.38
N GLN A 37 22.80 -26.95 -4.69
CA GLN A 37 22.16 -25.99 -3.81
C GLN A 37 20.73 -25.78 -4.28
N HIS A 38 19.77 -25.81 -3.35
CA HIS A 38 18.36 -25.58 -3.69
C HIS A 38 17.85 -24.47 -2.79
N ARG A 39 17.90 -23.23 -3.27
CA ARG A 39 17.34 -22.12 -2.53
C ARG A 39 15.83 -22.14 -2.61
N PHE A 40 15.20 -21.75 -1.50
CA PHE A 40 13.74 -21.71 -1.45
C PHE A 40 13.20 -20.91 -2.61
N GLY A 41 12.25 -21.48 -3.34
CA GLY A 41 11.61 -20.77 -4.44
C GLY A 41 12.46 -20.63 -5.69
N GLN A 42 13.55 -21.37 -5.82
CA GLN A 42 14.32 -21.38 -7.05
C GLN A 42 14.55 -22.81 -7.51
N ALA A 43 15.06 -22.93 -8.71
CA ALA A 43 15.42 -24.24 -9.21
C ALA A 43 16.76 -24.68 -8.61
N PRO A 44 16.99 -25.98 -8.49
CA PRO A 44 18.30 -26.43 -8.00
C PRO A 44 19.44 -25.95 -8.88
N ARG A 45 20.61 -25.78 -8.27
CA ARG A 45 21.82 -25.27 -8.91
C ARG A 45 22.99 -26.25 -8.66
N LEU A 46 23.65 -26.70 -9.72
CA LEU A 46 24.83 -27.55 -9.57
C LEU A 46 25.98 -26.75 -8.98
N LEU A 47 26.61 -27.29 -7.93
CA LEU A 47 27.80 -26.70 -7.32
C LEU A 47 29.07 -27.45 -7.70
N ILE A 48 29.04 -28.78 -7.56
CA ILE A 48 30.20 -29.65 -7.70
C ILE A 48 29.78 -30.90 -8.49
N SER A 49 30.64 -31.32 -9.42
CA SER A 49 30.54 -32.64 -10.00
C SER A 49 31.91 -33.31 -9.94
N GLY A 50 31.94 -34.61 -10.19
CA GLY A 50 33.18 -35.36 -10.04
C GLY A 50 33.73 -35.30 -8.63
N ALA A 51 32.86 -35.15 -7.63
CA ALA A 51 33.24 -35.06 -6.23
C ALA A 51 33.89 -33.73 -5.84
N SER A 52 34.72 -33.14 -6.72
CA SER A 52 35.48 -31.95 -6.33
C SER A 52 35.63 -30.90 -7.42
N THR A 53 35.02 -31.07 -8.58
CA THR A 53 35.16 -30.08 -9.64
C THR A 53 34.06 -29.05 -9.52
N ARG A 54 34.45 -27.81 -9.27
CA ARG A 54 33.47 -26.72 -9.23
C ARG A 54 32.81 -26.56 -10.59
N ALA A 55 31.50 -26.35 -10.59
CA ALA A 55 30.80 -26.07 -11.83
C ALA A 55 31.04 -24.62 -12.23
N THR A 56 30.70 -24.30 -13.49
CA THR A 56 31.06 -23.00 -14.02
C THR A 56 30.36 -21.89 -13.23
N GLY A 57 31.10 -20.83 -12.93
CA GLY A 57 30.54 -19.73 -12.17
C GLY A 57 30.40 -19.97 -10.69
N ILE A 58 30.77 -21.14 -10.18
CA ILE A 58 30.65 -21.41 -8.75
C ILE A 58 31.90 -20.88 -8.04
N PRO A 59 31.76 -20.03 -7.03
CA PRO A 59 32.95 -19.47 -6.37
C PRO A 59 33.74 -20.51 -5.58
N GLY A 60 35.02 -20.20 -5.41
CA GLY A 60 35.97 -21.11 -4.79
C GLY A 60 35.72 -21.37 -3.33
N ARG A 61 34.85 -20.60 -2.67
CA ARG A 61 34.51 -20.95 -1.29
C ARG A 61 33.68 -22.23 -1.19
N PHE A 62 33.12 -22.72 -2.30
CA PHE A 62 32.52 -24.04 -2.36
C PHE A 62 33.57 -25.04 -2.83
N SER A 63 33.72 -26.13 -2.07
CA SER A 63 34.62 -27.19 -2.51
C SER A 63 34.12 -28.52 -1.99
N GLY A 64 34.55 -29.58 -2.66
CA GLY A 64 34.15 -30.93 -2.26
C GLY A 64 35.34 -31.86 -2.31
N SER A 65 35.22 -32.96 -1.58
CA SER A 65 36.28 -33.96 -1.56
C SER A 65 35.67 -35.30 -1.17
N GLY A 66 36.44 -36.35 -1.39
CA GLY A 66 35.98 -37.70 -1.12
C GLY A 66 35.93 -38.59 -2.34
N SER A 67 36.00 -39.90 -2.12
CA SER A 67 35.78 -40.88 -3.15
C SER A 67 35.34 -42.17 -2.48
N GLY A 68 34.81 -43.09 -3.29
CA GLY A 68 34.29 -44.33 -2.75
C GLY A 68 32.91 -44.13 -2.18
N THR A 69 32.80 -44.06 -0.85
CA THR A 69 31.50 -43.96 -0.21
C THR A 69 31.33 -42.78 0.73
N GLU A 70 32.39 -42.01 1.00
CA GLU A 70 32.29 -40.85 1.89
C GLU A 70 32.65 -39.57 1.15
N PHE A 71 31.80 -38.55 1.29
CA PHE A 71 32.01 -37.29 0.58
C PHE A 71 31.73 -36.11 1.50
N THR A 72 32.35 -34.99 1.21
CA THR A 72 32.12 -33.76 1.96
C THR A 72 31.96 -32.57 1.03
N LEU A 73 31.00 -31.71 1.36
CA LEU A 73 30.91 -30.39 0.76
C LEU A 73 31.26 -29.39 1.85
N THR A 74 32.22 -28.52 1.56
CA THR A 74 32.61 -27.43 2.44
C THR A 74 32.21 -26.10 1.81
N ILE A 75 31.51 -25.27 2.60
CA ILE A 75 31.16 -23.91 2.20
C ILE A 75 31.90 -22.96 3.13
N SER A 76 32.91 -22.26 2.62
CA SER A 76 33.61 -21.28 3.44
C SER A 76 32.92 -19.92 3.40
N SER A 77 33.19 -19.12 4.44
CA SER A 77 32.63 -17.78 4.63
C SER A 77 31.12 -17.77 4.38
N LEU A 78 30.39 -18.56 5.15
CA LEU A 78 28.95 -18.69 4.92
C LEU A 78 28.26 -17.32 4.93
N GLN A 79 27.40 -17.11 3.94
CA GLN A 79 26.62 -15.89 3.76
C GLN A 79 25.14 -16.25 3.76
N SER A 80 24.29 -15.25 4.03
CA SER A 80 22.87 -15.58 4.17
C SER A 80 22.29 -16.09 2.85
N GLU A 81 22.87 -15.70 1.71
CA GLU A 81 22.44 -16.23 0.42
C GLU A 81 22.75 -17.72 0.26
N ASP A 82 23.57 -18.30 1.13
CA ASP A 82 23.86 -19.73 1.13
C ASP A 82 22.79 -20.53 1.86
N VAL A 83 21.86 -19.87 2.53
CA VAL A 83 20.83 -20.60 3.27
C VAL A 83 19.95 -21.34 2.26
N ALA A 84 19.89 -22.66 2.40
CA ALA A 84 19.31 -23.49 1.36
C ALA A 84 19.38 -24.93 1.81
N VAL A 85 18.70 -25.79 1.06
CA VAL A 85 18.87 -27.23 1.21
C VAL A 85 19.91 -27.68 0.18
N TYR A 86 20.86 -28.50 0.63
CA TYR A 86 21.93 -29.01 -0.23
C TYR A 86 21.74 -30.52 -0.39
N TYR A 87 21.82 -30.98 -1.63
CA TYR A 87 21.66 -32.38 -2.01
C TYR A 87 22.94 -32.92 -2.61
N CYS A 88 23.31 -34.13 -2.22
CA CYS A 88 24.28 -34.87 -3.03
C CYS A 88 23.53 -35.80 -4.00
N GLN A 89 24.25 -36.21 -5.03
CA GLN A 89 23.65 -37.10 -6.02
C GLN A 89 24.74 -37.98 -6.59
N GLN A 90 24.57 -39.30 -6.51
CA GLN A 90 25.52 -40.20 -7.14
C GLN A 90 25.08 -40.50 -8.57
N TYR A 91 26.06 -40.66 -9.43
CA TYR A 91 25.83 -41.21 -10.76
C TYR A 91 26.87 -42.27 -11.08
N GLY A 92 27.51 -42.84 -10.05
CA GLY A 92 28.28 -44.04 -10.29
C GLY A 92 27.44 -45.13 -10.91
N ASP A 93 26.17 -45.21 -10.51
CA ASP A 93 25.21 -46.19 -11.03
C ASP A 93 24.45 -45.69 -12.25
N TRP A 94 24.93 -44.63 -12.92
CA TRP A 94 24.23 -44.06 -14.04
C TRP A 94 23.80 -45.16 -15.02
N PRO A 95 22.60 -45.10 -15.57
CA PRO A 95 21.61 -44.02 -15.51
C PRO A 95 20.77 -43.96 -14.21
N LEU A 96 20.90 -44.94 -13.31
CA LEU A 96 20.09 -44.97 -12.09
C LEU A 96 20.68 -44.01 -11.04
N VAL A 97 20.56 -42.73 -11.34
CA VAL A 97 21.09 -41.71 -10.43
C VAL A 97 20.18 -41.63 -9.20
N THR A 98 20.75 -41.24 -8.06
CA THR A 98 19.95 -41.12 -6.84
C THR A 98 20.42 -39.93 -6.01
N PHE A 99 19.45 -39.27 -5.36
CA PHE A 99 19.72 -38.10 -4.51
C PHE A 99 19.79 -38.50 -3.04
N GLY A 100 20.63 -37.78 -2.30
CA GLY A 100 20.51 -37.77 -0.85
C GLY A 100 19.20 -37.12 -0.41
N GLY A 101 18.90 -37.24 0.87
CA GLY A 101 17.66 -36.63 1.37
C GLY A 101 17.73 -35.13 1.62
N GLY A 102 18.92 -34.53 1.50
CA GLY A 102 19.05 -33.11 1.67
C GLY A 102 19.53 -32.72 3.04
N THR A 103 20.38 -31.68 3.10
CA THR A 103 20.81 -31.06 4.34
C THR A 103 20.42 -29.58 4.30
N LYS A 104 19.69 -29.13 5.30
CA LYS A 104 19.35 -27.72 5.42
C LYS A 104 20.49 -26.98 6.11
N VAL A 105 20.95 -25.90 5.49
CA VAL A 105 21.97 -25.03 6.05
C VAL A 105 21.30 -23.73 6.43
N GLU A 106 21.48 -23.32 7.67
CA GLU A 106 20.89 -22.10 8.21
C GLU A 106 21.98 -21.30 8.89
N ILE A 107 21.74 -20.00 9.05
CA ILE A 107 22.63 -19.13 9.81
C ILE A 107 22.39 -19.32 11.30
N LYS A 108 23.47 -19.54 12.05
CA LYS A 108 23.37 -19.59 13.51
C LYS A 108 23.38 -18.17 14.08
N ARG A 109 22.51 -17.95 15.08
CA ARG A 109 22.43 -16.68 15.79
C ARG A 109 22.13 -16.99 17.25
N THR A 110 22.08 -15.94 18.08
CA THR A 110 21.75 -16.12 19.47
C THR A 110 20.32 -16.63 19.61
N VAL A 111 20.09 -17.45 20.63
CA VAL A 111 18.76 -17.97 20.88
C VAL A 111 17.80 -16.81 21.10
N ALA A 112 16.61 -16.92 20.51
CA ALA A 112 15.57 -15.91 20.70
C ALA A 112 14.26 -16.63 20.97
N ALA A 113 13.66 -16.34 22.12
CA ALA A 113 12.38 -16.95 22.45
C ALA A 113 11.28 -16.32 21.60
N PRO A 114 10.24 -17.07 21.26
CA PRO A 114 9.16 -16.49 20.47
C PRO A 114 8.37 -15.46 21.27
N SER A 115 7.95 -14.39 20.57
CA SER A 115 6.82 -13.59 21.02
C SER A 115 5.53 -14.29 20.59
N VAL A 116 4.63 -14.54 21.53
CA VAL A 116 3.45 -15.37 21.27
C VAL A 116 2.22 -14.49 21.27
N PHE A 117 1.38 -14.64 20.26
CA PHE A 117 0.11 -13.92 20.15
C PHE A 117 -1.00 -14.90 19.81
N ILE A 118 -2.18 -14.70 20.40
CA ILE A 118 -3.34 -15.54 20.07
C ILE A 118 -4.43 -14.65 19.46
N PHE A 119 -5.17 -15.21 18.51
CA PHE A 119 -6.19 -14.46 17.77
C PHE A 119 -7.50 -15.23 17.81
N PRO A 120 -8.56 -14.67 18.39
CA PRO A 120 -9.88 -15.31 18.30
C PRO A 120 -10.35 -15.34 16.87
N PRO A 121 -11.35 -16.16 16.55
CA PRO A 121 -11.95 -16.08 15.21
C PRO A 121 -12.64 -14.75 15.03
N SER A 122 -12.67 -14.27 13.78
CA SER A 122 -13.33 -13.01 13.49
C SER A 122 -14.86 -13.16 13.55
N ASP A 123 -15.53 -12.04 13.82
CA ASP A 123 -16.99 -12.03 13.69
C ASP A 123 -17.41 -12.47 12.29
N GLU A 124 -16.69 -11.99 11.26
CA GLU A 124 -17.05 -12.31 9.88
C GLU A 124 -17.04 -13.82 9.65
N GLN A 125 -15.99 -14.51 10.11
CA GLN A 125 -15.89 -15.94 9.86
C GLN A 125 -16.96 -16.73 10.58
N LEU A 126 -17.33 -16.31 11.80
CA LEU A 126 -18.33 -17.05 12.55
C LEU A 126 -19.65 -17.17 11.78
N LYS A 127 -20.05 -16.10 11.09
CA LYS A 127 -21.26 -16.18 10.28
C LYS A 127 -21.21 -17.37 9.33
N SER A 128 -20.02 -17.70 8.81
CA SER A 128 -19.86 -18.74 7.81
C SER A 128 -20.07 -20.15 8.36
N GLY A 129 -20.14 -20.33 9.68
CA GLY A 129 -20.27 -21.65 10.24
C GLY A 129 -18.98 -22.36 10.64
N THR A 130 -17.82 -21.72 10.47
CA THR A 130 -16.56 -22.30 10.94
C THR A 130 -15.81 -21.27 11.77
N ALA A 131 -14.93 -21.76 12.63
CA ALA A 131 -14.14 -20.89 13.50
C ALA A 131 -12.68 -21.33 13.47
N SER A 132 -11.79 -20.38 13.20
CA SER A 132 -10.36 -20.64 13.18
C SER A 132 -9.67 -19.81 14.26
N VAL A 133 -8.98 -20.47 15.18
CA VAL A 133 -8.20 -19.79 16.22
C VAL A 133 -6.73 -19.88 15.84
N VAL A 134 -6.04 -18.73 15.86
CA VAL A 134 -4.69 -18.64 15.33
C VAL A 134 -3.73 -18.27 16.44
N CYS A 135 -2.62 -18.99 16.52
CA CYS A 135 -1.53 -18.70 17.41
C CYS A 135 -0.32 -18.34 16.55
N LEU A 136 0.34 -17.23 16.89
CA LEU A 136 1.54 -16.77 16.18
C LEU A 136 2.73 -16.83 17.12
N LEU A 137 3.77 -17.51 16.71
CA LEU A 137 5.06 -17.50 17.40
C LEU A 137 6.01 -16.69 16.53
N ASN A 138 6.43 -15.53 17.01
CA ASN A 138 7.15 -14.60 16.14
C ASN A 138 8.62 -14.45 16.50
N ASN A 139 9.45 -14.43 15.45
CA ASN A 139 10.86 -14.04 15.50
C ASN A 139 11.63 -14.80 16.59
N PHE A 140 11.66 -16.12 16.44
CA PHE A 140 12.36 -16.97 17.39
C PHE A 140 13.49 -17.72 16.69
N TYR A 141 14.41 -18.22 17.52
CA TYR A 141 15.53 -19.02 17.03
C TYR A 141 16.05 -19.87 18.17
N PRO A 142 16.33 -21.16 17.92
CA PRO A 142 16.20 -21.88 16.65
C PRO A 142 14.77 -22.32 16.31
N ARG A 143 14.65 -23.03 15.18
CA ARG A 143 13.35 -23.34 14.58
C ARG A 143 12.48 -24.24 15.44
N GLU A 144 13.07 -25.12 16.24
CA GLU A 144 12.29 -26.11 16.97
C GLU A 144 11.39 -25.45 18.01
N ALA A 145 10.08 -25.65 17.88
CA ALA A 145 9.10 -25.14 18.84
C ALA A 145 7.90 -26.07 18.84
N LYS A 146 7.21 -26.14 19.99
CA LYS A 146 6.02 -26.96 20.15
C LYS A 146 4.85 -26.09 20.57
N VAL A 147 3.70 -26.27 19.91
CA VAL A 147 2.47 -25.58 20.28
C VAL A 147 1.45 -26.61 20.72
N GLN A 148 0.88 -26.44 21.90
CA GLN A 148 -0.25 -27.23 22.38
C GLN A 148 -1.47 -26.32 22.51
N TRP A 149 -2.59 -26.72 21.92
CA TRP A 149 -3.86 -26.02 22.08
C TRP A 149 -4.65 -26.59 23.23
N LYS A 150 -5.29 -25.72 24.01
CA LYS A 150 -6.16 -26.13 25.11
C LYS A 150 -7.49 -25.37 25.01
N VAL A 151 -8.60 -26.11 25.04
CA VAL A 151 -9.94 -25.51 25.03
C VAL A 151 -10.66 -25.91 26.32
N ASP A 152 -10.86 -24.95 27.21
CA ASP A 152 -11.38 -25.23 28.56
C ASP A 152 -10.53 -26.31 29.23
N ASN A 153 -9.22 -26.11 29.18
CA ASN A 153 -8.20 -26.98 29.77
C ASN A 153 -8.11 -28.34 29.09
N ALA A 154 -8.93 -28.64 28.08
CA ALA A 154 -8.85 -29.91 27.38
C ALA A 154 -7.79 -29.82 26.28
N LEU A 155 -6.81 -30.72 26.33
CA LEU A 155 -5.74 -30.70 25.34
C LEU A 155 -6.28 -31.17 23.99
N GLN A 156 -6.09 -30.35 22.96
CA GLN A 156 -6.58 -30.64 21.62
C GLN A 156 -5.61 -31.51 20.87
N SER A 157 -6.15 -32.43 20.06
CA SER A 157 -5.34 -33.34 19.27
C SER A 157 -5.99 -33.53 17.91
N GLY A 158 -5.22 -33.31 16.84
CA GLY A 158 -5.68 -33.63 15.50
C GLY A 158 -6.45 -32.55 14.77
N ASN A 159 -6.75 -31.42 15.41
CA ASN A 159 -7.56 -30.38 14.79
C ASN A 159 -6.79 -29.08 14.59
N SER A 160 -5.46 -29.17 14.45
CA SER A 160 -4.66 -27.98 14.19
C SER A 160 -3.66 -28.29 13.10
N GLN A 161 -3.19 -27.22 12.45
CA GLN A 161 -2.13 -27.29 11.47
C GLN A 161 -1.22 -26.11 11.69
N GLU A 162 0.05 -26.28 11.37
CA GLU A 162 0.97 -25.18 11.51
C GLU A 162 1.85 -25.11 10.28
N SER A 163 2.49 -23.95 10.09
CA SER A 163 3.56 -23.83 9.11
C SER A 163 4.51 -22.73 9.56
N VAL A 164 5.72 -22.76 9.00
CA VAL A 164 6.87 -22.03 9.50
C VAL A 164 7.48 -21.26 8.34
N THR A 165 7.87 -20.02 8.60
CA THR A 165 8.54 -19.23 7.56
C THR A 165 9.94 -19.77 7.29
N GLU A 166 10.51 -19.35 6.17
CA GLU A 166 11.94 -19.52 5.96
C GLU A 166 12.70 -18.61 6.90
N GLN A 167 13.97 -18.93 7.13
CA GLN A 167 14.77 -18.09 8.00
C GLN A 167 14.84 -16.68 7.43
N ASP A 168 14.53 -15.69 8.28
CA ASP A 168 14.62 -14.29 7.88
C ASP A 168 16.08 -13.89 7.63
N SER A 169 16.35 -13.34 6.45
CA SER A 169 17.75 -13.14 6.09
C SER A 169 18.38 -11.99 6.87
N LYS A 170 17.57 -11.08 7.38
CA LYS A 170 18.09 -9.95 8.15
C LYS A 170 18.42 -10.36 9.58
N ASP A 171 17.45 -10.92 10.31
CA ASP A 171 17.64 -11.19 11.73
C ASP A 171 17.81 -12.67 12.05
N SER A 172 17.79 -13.54 11.02
CA SER A 172 18.09 -14.97 11.12
C SER A 172 17.10 -15.73 12.00
N THR A 173 15.87 -15.24 12.13
CA THR A 173 14.86 -15.91 12.94
C THR A 173 13.82 -16.58 12.06
N TYR A 174 12.97 -17.35 12.74
CA TYR A 174 11.82 -18.05 12.19
C TYR A 174 10.56 -17.52 12.86
N SER A 175 9.43 -17.70 12.18
CA SER A 175 8.12 -17.46 12.75
C SER A 175 7.24 -18.65 12.44
N LEU A 176 6.26 -18.91 13.30
CA LEU A 176 5.42 -20.08 13.17
C LEU A 176 3.97 -19.69 13.46
N SER A 177 3.05 -20.27 12.69
CA SER A 177 1.61 -20.06 12.86
C SER A 177 0.92 -21.39 13.02
N SER A 178 0.14 -21.53 14.09
CA SER A 178 -0.69 -22.70 14.31
C SER A 178 -2.15 -22.28 14.28
N THR A 179 -2.97 -23.06 13.58
CA THR A 179 -4.38 -22.75 13.44
C THR A 179 -5.20 -23.91 13.96
N LEU A 180 -6.07 -23.62 14.94
CA LEU A 180 -7.01 -24.59 15.49
C LEU A 180 -8.36 -24.42 14.80
N THR A 181 -8.87 -25.49 14.21
CA THR A 181 -10.09 -25.44 13.41
C THR A 181 -11.23 -26.10 14.17
N LEU A 182 -12.27 -25.32 14.45
CA LEU A 182 -13.48 -25.79 15.13
C LEU A 182 -14.70 -25.40 14.31
N SER A 183 -15.79 -26.15 14.50
CA SER A 183 -17.09 -25.70 14.03
C SER A 183 -17.54 -24.52 14.88
N LYS A 184 -18.33 -23.63 14.27
CA LYS A 184 -18.89 -22.54 15.06
C LYS A 184 -19.61 -23.08 16.30
N ALA A 185 -20.35 -24.18 16.13
CA ALA A 185 -21.10 -24.74 17.25
C ALA A 185 -20.18 -25.09 18.41
N ASP A 186 -19.13 -25.87 18.14
CA ASP A 186 -18.21 -26.23 19.21
C ASP A 186 -17.50 -25.00 19.75
N TYR A 187 -17.13 -24.06 18.87
CA TYR A 187 -16.51 -22.84 19.38
C TYR A 187 -17.40 -22.15 20.39
N GLU A 188 -18.71 -22.13 20.14
CA GLU A 188 -19.65 -21.43 21.00
C GLU A 188 -19.97 -22.17 22.28
N LYS A 189 -19.63 -23.47 22.37
CA LYS A 189 -19.87 -24.26 23.56
C LYS A 189 -18.76 -24.14 24.60
N HIS A 190 -17.70 -23.39 24.32
CA HIS A 190 -16.54 -23.36 25.20
C HIS A 190 -16.09 -21.93 25.42
N LYS A 191 -15.35 -21.73 26.52
CA LYS A 191 -15.00 -20.40 27.00
C LYS A 191 -13.53 -20.05 26.78
N VAL A 192 -12.60 -20.85 27.30
CA VAL A 192 -11.21 -20.46 27.37
C VAL A 192 -10.43 -21.15 26.25
N TYR A 193 -9.77 -20.34 25.43
CA TYR A 193 -8.93 -20.83 24.34
C TYR A 193 -7.49 -20.40 24.62
N ALA A 194 -6.59 -21.38 24.67
CA ALA A 194 -5.22 -21.11 25.06
C ALA A 194 -4.25 -21.83 24.16
N CYS A 195 -3.16 -21.14 23.85
CA CYS A 195 -2.04 -21.66 23.07
C CYS A 195 -0.85 -21.73 24.03
N GLU A 196 -0.25 -22.92 24.17
CA GLU A 196 0.87 -23.11 25.09
C GLU A 196 2.12 -23.46 24.29
N VAL A 197 3.17 -22.68 24.47
CA VAL A 197 4.34 -22.72 23.59
C VAL A 197 5.56 -23.16 24.38
N THR A 198 6.27 -24.14 23.86
CA THR A 198 7.52 -24.64 24.43
C THR A 198 8.64 -24.40 23.44
N HIS A 199 9.74 -23.81 23.92
CA HIS A 199 10.89 -23.47 23.10
C HIS A 199 12.10 -23.42 24.01
N GLN A 200 13.28 -23.76 23.46
CA GLN A 200 14.45 -23.86 24.33
C GLN A 200 14.86 -22.52 24.91
N GLY A 201 14.42 -21.40 24.33
CA GLY A 201 14.73 -20.11 24.90
C GLY A 201 13.80 -19.66 26.02
N LEU A 202 12.78 -20.45 26.34
CA LEU A 202 11.86 -20.20 27.44
C LEU A 202 12.18 -21.15 28.59
N SER A 203 12.40 -20.58 29.79
CA SER A 203 12.65 -21.44 30.96
C SER A 203 11.44 -22.28 31.32
N SER A 204 10.24 -21.87 30.93
CA SER A 204 9.06 -22.71 31.10
C SER A 204 8.02 -22.27 30.08
N PRO A 205 7.04 -23.13 29.78
CA PRO A 205 6.11 -22.84 28.67
C PRO A 205 5.36 -21.53 28.88
N VAL A 206 5.10 -20.86 27.76
CA VAL A 206 4.34 -19.62 27.72
C VAL A 206 2.95 -19.94 27.20
N THR A 207 1.93 -19.38 27.83
CA THR A 207 0.55 -19.58 27.41
C THR A 207 -0.09 -18.22 27.16
N LYS A 208 -0.72 -18.09 26.00
CA LYS A 208 -1.61 -16.97 25.71
C LYS A 208 -3.01 -17.54 25.60
N SER A 209 -3.99 -16.81 26.12
CA SER A 209 -5.36 -17.33 26.11
C SER A 209 -6.33 -16.18 25.98
N PHE A 210 -7.58 -16.54 25.70
CA PHE A 210 -8.68 -15.61 25.70
C PHE A 210 -9.95 -16.36 26.07
N ASN A 211 -10.89 -15.62 26.64
CA ASN A 211 -12.25 -16.11 26.87
C ASN A 211 -13.12 -15.63 25.71
N ARG A 212 -13.84 -16.55 25.08
CA ARG A 212 -14.65 -16.26 23.89
C ARG A 212 -15.62 -15.07 24.03
N GLU B 1 -28.48 46.62 3.75
CA GLU B 1 -27.49 45.96 4.60
C GLU B 1 -26.23 46.82 4.69
N ILE B 2 -25.64 46.90 5.88
CA ILE B 2 -24.39 47.63 6.03
C ILE B 2 -23.28 46.90 5.27
N VAL B 3 -22.57 47.62 4.41
CA VAL B 3 -21.51 47.05 3.59
C VAL B 3 -20.18 47.29 4.30
N MET B 4 -19.35 46.25 4.37
CA MET B 4 -18.04 46.31 5.01
C MET B 4 -16.97 46.15 3.94
N THR B 5 -15.97 47.03 3.96
CA THR B 5 -14.90 47.03 2.97
C THR B 5 -13.54 46.91 3.66
N GLN B 6 -12.77 45.92 3.28
CA GLN B 6 -11.49 45.64 3.86
C GLN B 6 -10.38 46.07 2.92
N SER B 7 -9.26 46.48 3.49
CA SER B 7 -8.09 46.86 2.70
C SER B 7 -6.85 46.57 3.51
N PRO B 8 -5.75 46.23 2.86
CA PRO B 8 -5.63 45.98 1.42
C PRO B 8 -6.20 44.58 1.13
N ALA B 9 -6.34 44.18 -0.13
CA ALA B 9 -6.85 42.83 -0.42
C ALA B 9 -5.84 41.75 -0.06
N THR B 10 -4.55 42.03 -0.28
CA THR B 10 -3.46 41.11 0.02
C THR B 10 -2.38 41.85 0.78
N LEU B 11 -1.70 41.14 1.68
CA LEU B 11 -0.72 41.76 2.57
C LEU B 11 0.44 40.80 2.76
N SER B 12 1.63 41.22 2.32
CA SER B 12 2.83 40.40 2.43
C SER B 12 3.75 41.04 3.45
N VAL B 13 4.00 40.33 4.55
CA VAL B 13 4.63 40.91 5.74
C VAL B 13 5.81 40.04 6.17
N SER B 14 6.90 40.68 6.58
CA SER B 14 8.08 39.96 7.03
C SER B 14 7.84 39.33 8.40
N PRO B 15 8.51 38.22 8.70
CA PRO B 15 8.33 37.57 10.00
C PRO B 15 8.81 38.47 11.12
N GLY B 16 8.05 38.50 12.21
CA GLY B 16 8.31 39.44 13.29
C GLY B 16 7.83 40.86 13.03
N GLU B 17 7.47 41.23 11.80
CA GLU B 17 7.01 42.57 11.51
C GLU B 17 5.50 42.71 11.77
N ARG B 18 4.98 43.91 11.52
CA ARG B 18 3.61 44.26 11.87
C ARG B 18 2.72 44.25 10.64
N ALA B 19 1.53 43.68 10.78
CA ALA B 19 0.50 43.70 9.75
C ALA B 19 -0.65 44.57 10.22
N THR B 20 -1.07 45.51 9.40
CA THR B 20 -2.18 46.41 9.74
C THR B 20 -3.30 46.20 8.73
N LEU B 21 -4.45 45.75 9.21
CA LEU B 21 -5.60 45.47 8.37
C LEU B 21 -6.67 46.53 8.63
N SER B 22 -7.30 47.02 7.55
CA SER B 22 -8.33 48.03 7.70
C SER B 22 -9.70 47.49 7.30
N CYS B 23 -10.74 48.01 7.96
CA CYS B 23 -12.13 47.66 7.70
C CYS B 23 -12.96 48.93 7.78
N ARG B 24 -13.80 49.17 6.77
CA ARG B 24 -14.68 50.33 6.74
C ARG B 24 -16.13 49.87 6.63
N ALA B 25 -16.98 50.38 7.52
CA ALA B 25 -18.42 50.19 7.45
C ALA B 25 -19.06 51.35 6.69
N SER B 26 -20.09 51.04 5.89
CA SER B 26 -20.78 52.07 5.12
C SER B 26 -21.63 52.99 5.99
N GLN B 27 -21.93 52.59 7.22
CA GLN B 27 -22.53 53.51 8.18
C GLN B 27 -22.11 53.05 9.57
N SER B 28 -22.32 53.91 10.56
CA SER B 28 -21.81 53.62 11.89
C SER B 28 -22.33 52.28 12.39
N VAL B 29 -21.42 51.51 13.00
CA VAL B 29 -21.73 50.29 13.74
C VAL B 29 -21.28 50.41 15.18
N SER B 30 -21.01 51.64 15.64
CA SER B 30 -20.50 51.89 16.99
C SER B 30 -19.33 50.95 17.22
N SER B 31 -19.33 50.14 18.27
CA SER B 31 -18.24 49.19 18.56
C SER B 31 -18.62 47.75 18.26
N SER B 32 -19.72 47.52 17.54
CA SER B 32 -20.25 46.19 17.30
C SER B 32 -19.56 45.57 16.08
N LEU B 33 -18.29 45.24 16.29
CA LEU B 33 -17.45 44.77 15.19
C LEU B 33 -16.57 43.62 15.66
N ALA B 34 -16.43 42.59 14.83
CA ALA B 34 -15.61 41.43 15.14
C ALA B 34 -14.64 41.14 14.01
N TRP B 35 -13.51 40.53 14.36
CA TRP B 35 -12.54 40.05 13.39
C TRP B 35 -12.36 38.55 13.55
N TYR B 36 -12.16 37.88 12.44
CA TYR B 36 -11.99 36.44 12.39
C TYR B 36 -10.72 36.13 11.60
N GLN B 37 -10.05 35.06 12.00
CA GLN B 37 -8.97 34.48 11.23
C GLN B 37 -9.47 33.20 10.58
N HIS B 38 -9.19 33.05 9.29
CA HIS B 38 -9.60 31.86 8.54
C HIS B 38 -8.38 31.19 7.92
N ARG B 39 -7.80 30.22 8.63
CA ARG B 39 -6.68 29.46 8.07
C ARG B 39 -7.20 28.48 7.01
N PHE B 40 -6.41 28.28 5.96
CA PHE B 40 -6.85 27.36 4.91
C PHE B 40 -7.09 25.96 5.48
N GLY B 41 -8.25 25.39 5.12
CA GLY B 41 -8.60 24.07 5.58
C GLY B 41 -9.14 23.98 6.99
N GLN B 42 -9.46 25.11 7.62
CA GLN B 42 -10.01 25.12 8.97
C GLN B 42 -11.25 25.97 9.02
N ALA B 43 -11.97 25.84 10.14
CA ALA B 43 -13.07 26.74 10.44
C ALA B 43 -12.52 28.13 10.75
N PRO B 44 -13.27 29.18 10.42
CA PRO B 44 -12.94 30.53 10.91
C PRO B 44 -12.91 30.57 12.43
N ARG B 45 -12.04 31.42 12.97
CA ARG B 45 -11.85 31.57 14.41
C ARG B 45 -12.06 33.02 14.83
N LEU B 46 -12.81 33.22 15.91
CA LEU B 46 -13.02 34.56 16.44
C LEU B 46 -11.72 35.10 17.07
N LEU B 47 -11.31 36.29 16.63
CA LEU B 47 -10.11 36.95 17.16
C LEU B 47 -10.47 38.08 18.11
N ILE B 48 -11.37 38.95 17.69
CA ILE B 48 -11.73 40.19 18.35
C ILE B 48 -13.24 40.35 18.26
N SER B 49 -13.87 40.81 19.34
CA SER B 49 -15.24 41.30 19.26
C SER B 49 -15.36 42.60 20.05
N GLY B 50 -16.47 43.30 19.85
CA GLY B 50 -16.61 44.63 20.43
C GLY B 50 -15.49 45.56 19.99
N ALA B 51 -15.05 45.44 18.74
CA ALA B 51 -14.01 46.28 18.15
C ALA B 51 -12.61 46.03 18.72
N SER B 52 -12.49 45.72 20.00
CA SER B 52 -11.17 45.65 20.60
C SER B 52 -11.00 44.57 21.66
N THR B 53 -12.00 43.75 21.96
CA THR B 53 -11.89 42.73 23.01
C THR B 53 -11.38 41.43 22.41
N ARG B 54 -10.18 41.02 22.79
CA ARG B 54 -9.64 39.74 22.34
C ARG B 54 -10.52 38.59 22.81
N ALA B 55 -10.80 37.63 21.92
CA ALA B 55 -11.53 36.45 22.32
C ALA B 55 -10.60 35.49 23.08
N THR B 56 -11.17 34.42 23.61
CA THR B 56 -10.39 33.54 24.49
C THR B 56 -9.33 32.81 23.70
N GLY B 57 -8.13 32.70 24.28
CA GLY B 57 -7.03 32.04 23.61
C GLY B 57 -6.33 32.86 22.56
N ILE B 58 -6.71 34.13 22.38
CA ILE B 58 -6.07 34.94 21.34
C ILE B 58 -4.87 35.67 21.94
N PRO B 59 -3.68 35.56 21.36
CA PRO B 59 -2.50 36.20 21.96
C PRO B 59 -2.54 37.71 21.81
N GLY B 60 -1.83 38.37 22.73
CA GLY B 60 -1.83 39.83 22.76
C GLY B 60 -1.30 40.49 21.51
N ARG B 61 -0.60 39.75 20.64
CA ARG B 61 -0.11 40.37 19.42
C ARG B 61 -1.23 40.76 18.47
N PHE B 62 -2.45 40.25 18.66
CA PHE B 62 -3.62 40.67 17.90
C PHE B 62 -4.34 41.77 18.67
N SER B 63 -4.49 42.94 18.07
CA SER B 63 -5.27 43.96 18.74
C SER B 63 -6.14 44.71 17.74
N GLY B 64 -7.38 44.98 18.15
CA GLY B 64 -8.35 45.65 17.31
C GLY B 64 -8.64 47.03 17.86
N SER B 65 -8.91 47.98 16.98
CA SER B 65 -9.26 49.32 17.41
C SER B 65 -10.25 49.92 16.43
N GLY B 66 -10.82 51.05 16.82
CA GLY B 66 -11.78 51.74 15.99
C GLY B 66 -13.16 51.82 16.60
N SER B 67 -13.95 52.74 16.09
CA SER B 67 -15.33 52.90 16.53
C SER B 67 -16.03 53.74 15.49
N GLY B 68 -17.32 53.43 15.27
CA GLY B 68 -18.07 54.12 14.24
C GLY B 68 -17.95 53.44 12.91
N THR B 69 -17.10 53.94 12.02
CA THR B 69 -16.99 53.41 10.68
C THR B 69 -15.61 52.91 10.28
N GLU B 70 -14.57 53.22 11.04
CA GLU B 70 -13.20 52.87 10.69
C GLU B 70 -12.61 51.94 11.75
N PHE B 71 -12.15 50.77 11.33
CA PHE B 71 -11.60 49.79 12.26
C PHE B 71 -10.28 49.26 11.74
N THR B 72 -9.46 48.78 12.67
CA THR B 72 -8.09 48.36 12.39
C THR B 72 -7.79 47.09 13.16
N LEU B 73 -7.19 46.12 12.49
CA LEU B 73 -6.64 44.94 13.15
C LEU B 73 -5.13 44.98 12.92
N THR B 74 -4.37 44.96 14.01
CA THR B 74 -2.91 44.95 13.90
C THR B 74 -2.41 43.63 14.47
N ILE B 75 -1.64 42.91 13.66
CA ILE B 75 -0.88 41.74 14.11
C ILE B 75 0.55 42.22 14.27
N SER B 76 1.02 42.34 15.52
CA SER B 76 2.20 43.16 15.78
C SER B 76 3.51 42.43 15.57
N SER B 77 3.51 41.10 15.53
CA SER B 77 4.75 40.35 15.36
C SER B 77 4.41 39.07 14.58
N LEU B 78 4.36 39.19 13.26
CA LEU B 78 3.73 38.18 12.43
C LEU B 78 4.48 36.85 12.48
N GLN B 79 3.71 35.76 12.64
CA GLN B 79 4.22 34.41 12.64
C GLN B 79 3.65 33.62 11.47
N SER B 80 4.31 32.50 11.16
CA SER B 80 3.87 31.67 10.04
C SER B 80 2.43 31.17 10.24
N GLU B 81 2.04 30.86 11.47
CA GLU B 81 0.69 30.38 11.69
C GLU B 81 -0.35 31.50 11.63
N ASP B 82 0.07 32.76 11.42
CA ASP B 82 -0.86 33.85 11.14
C ASP B 82 -1.18 33.95 9.65
N VAL B 83 -0.56 33.13 8.81
CA VAL B 83 -0.90 33.13 7.40
C VAL B 83 -2.34 32.65 7.25
N ALA B 84 -3.19 33.49 6.66
CA ALA B 84 -4.64 33.24 6.70
C ALA B 84 -5.34 34.40 5.99
N VAL B 85 -6.64 34.22 5.76
CA VAL B 85 -7.52 35.30 5.34
C VAL B 85 -8.23 35.82 6.59
N TYR B 86 -8.25 37.14 6.77
CA TYR B 86 -8.85 37.79 7.92
C TYR B 86 -10.10 38.51 7.46
N TYR B 87 -11.21 38.31 8.19
CA TYR B 87 -12.50 38.92 7.89
C TYR B 87 -12.95 39.81 9.03
N CYS B 88 -13.46 40.99 8.71
CA CYS B 88 -14.22 41.75 9.69
C CYS B 88 -15.72 41.43 9.54
N GLN B 89 -16.49 41.77 10.57
CA GLN B 89 -17.92 41.49 10.59
C GLN B 89 -18.61 42.48 11.51
N GLN B 90 -19.60 43.23 11.00
CA GLN B 90 -20.41 44.08 11.84
C GLN B 90 -21.64 43.33 12.33
N TYR B 91 -22.02 43.58 13.57
CA TYR B 91 -23.31 43.19 14.10
C TYR B 91 -24.04 44.38 14.71
N GLY B 92 -23.74 45.59 14.22
CA GLY B 92 -24.51 46.75 14.64
C GLY B 92 -25.94 46.70 14.14
N ASP B 93 -26.13 46.14 12.94
CA ASP B 93 -27.43 45.87 12.32
C ASP B 93 -27.97 44.47 12.70
N TRP B 94 -27.50 43.90 13.79
CA TRP B 94 -27.94 42.58 14.21
C TRP B 94 -29.47 42.52 14.24
N PRO B 95 -30.09 41.45 13.73
CA PRO B 95 -29.51 40.15 13.29
C PRO B 95 -28.91 40.16 11.91
N LEU B 96 -29.01 41.26 11.16
CA LEU B 96 -28.51 41.29 9.79
C LEU B 96 -27.00 41.58 9.79
N VAL B 97 -26.23 40.58 10.23
CA VAL B 97 -24.78 40.72 10.24
C VAL B 97 -24.24 40.66 8.82
N THR B 98 -23.09 41.29 8.60
CA THR B 98 -22.46 41.27 7.29
C THR B 98 -20.96 41.15 7.49
N PHE B 99 -20.30 40.47 6.54
CA PHE B 99 -18.87 40.23 6.56
C PHE B 99 -18.19 41.12 5.52
N GLY B 100 -16.97 41.55 5.84
CA GLY B 100 -16.09 42.13 4.85
C GLY B 100 -15.56 41.09 3.87
N GLY B 101 -14.95 41.59 2.79
CA GLY B 101 -14.49 40.72 1.70
C GLY B 101 -13.23 39.93 2.00
N GLY B 102 -12.53 40.24 3.08
CA GLY B 102 -11.36 39.50 3.49
C GLY B 102 -10.06 40.16 3.07
N THR B 103 -9.04 40.01 3.92
CA THR B 103 -7.67 40.38 3.58
C THR B 103 -6.79 39.15 3.77
N LYS B 104 -6.12 38.74 2.70
CA LYS B 104 -5.23 37.58 2.73
C LYS B 104 -3.84 38.03 3.19
N VAL B 105 -3.36 37.43 4.28
CA VAL B 105 -2.08 37.80 4.89
C VAL B 105 -1.09 36.69 4.60
N GLU B 106 -0.01 37.02 3.89
CA GLU B 106 1.04 36.07 3.58
C GLU B 106 2.35 36.56 4.17
N ILE B 107 3.25 35.62 4.45
CA ILE B 107 4.50 35.90 5.16
C ILE B 107 5.66 35.84 4.17
N LYS B 108 6.60 36.77 4.33
CA LYS B 108 7.73 36.88 3.41
C LYS B 108 8.86 35.95 3.84
N ARG B 109 9.72 35.65 2.87
CA ARG B 109 10.90 34.84 3.10
C ARG B 109 11.91 35.15 2.00
N THR B 110 13.09 34.54 2.11
CA THR B 110 14.12 34.74 1.11
C THR B 110 13.72 34.08 -0.21
N VAL B 111 14.19 34.66 -1.32
CA VAL B 111 13.93 34.08 -2.62
C VAL B 111 14.36 32.61 -2.61
N ALA B 112 13.62 31.78 -3.33
CA ALA B 112 13.93 30.36 -3.46
C ALA B 112 13.52 29.95 -4.87
N ALA B 113 14.49 29.42 -5.63
CA ALA B 113 14.19 29.04 -7.00
C ALA B 113 13.41 27.73 -7.01
N PRO B 114 12.53 27.53 -7.98
CA PRO B 114 11.79 26.27 -8.06
C PRO B 114 12.68 25.18 -8.64
N SER B 115 12.60 23.98 -8.04
CA SER B 115 13.05 22.78 -8.75
C SER B 115 11.94 22.38 -9.72
N VAL B 116 12.33 22.05 -10.95
CA VAL B 116 11.36 21.81 -12.02
C VAL B 116 11.45 20.35 -12.44
N PHE B 117 10.30 19.74 -12.70
CA PHE B 117 10.20 18.36 -13.12
C PHE B 117 9.12 18.27 -14.20
N ILE B 118 9.39 17.48 -15.23
CA ILE B 118 8.45 17.26 -16.31
C ILE B 118 8.07 15.80 -16.32
N PHE B 119 6.80 15.52 -16.60
CA PHE B 119 6.23 14.17 -16.51
C PHE B 119 5.48 13.88 -17.80
N PRO B 120 5.88 12.88 -18.57
CA PRO B 120 5.12 12.52 -19.77
C PRO B 120 3.81 11.85 -19.38
N PRO B 121 2.86 11.75 -20.31
CA PRO B 121 1.65 10.96 -20.04
C PRO B 121 2.02 9.51 -19.78
N SER B 122 1.25 8.87 -18.91
CA SER B 122 1.45 7.44 -18.68
C SER B 122 0.86 6.63 -19.84
N ASP B 123 1.40 5.44 -20.04
CA ASP B 123 0.84 4.59 -21.08
C ASP B 123 -0.61 4.24 -20.79
N GLU B 124 -0.98 4.12 -19.52
CA GLU B 124 -2.37 3.84 -19.19
C GLU B 124 -3.30 4.94 -19.68
N GLN B 125 -2.91 6.21 -19.48
CA GLN B 125 -3.79 7.30 -19.90
C GLN B 125 -3.92 7.37 -21.40
N LEU B 126 -2.83 7.13 -22.12
CA LEU B 126 -2.90 7.12 -23.57
C LEU B 126 -3.85 6.06 -24.09
N LYS B 127 -4.12 5.01 -23.30
CA LYS B 127 -5.18 4.07 -23.68
C LYS B 127 -6.51 4.79 -23.88
N SER B 128 -6.80 5.80 -23.05
CA SER B 128 -7.91 6.69 -23.32
C SER B 128 -7.50 7.66 -24.43
N GLY B 129 -8.43 8.53 -24.83
CA GLY B 129 -8.13 9.41 -25.94
C GLY B 129 -7.32 10.64 -25.63
N THR B 130 -6.80 10.76 -24.41
CA THR B 130 -6.24 12.01 -23.94
C THR B 130 -4.84 11.79 -23.38
N ALA B 131 -4.03 12.83 -23.43
CA ALA B 131 -2.66 12.81 -22.91
C ALA B 131 -2.43 14.06 -22.09
N SER B 132 -2.05 13.89 -20.83
CA SER B 132 -1.73 15.00 -19.95
C SER B 132 -0.24 15.03 -19.70
N VAL B 133 0.37 16.19 -19.92
CA VAL B 133 1.78 16.42 -19.64
C VAL B 133 1.85 17.37 -18.45
N VAL B 134 2.56 16.98 -17.41
CA VAL B 134 2.57 17.71 -16.16
C VAL B 134 3.96 18.27 -15.92
N CYS B 135 4.01 19.50 -15.44
CA CYS B 135 5.26 20.17 -15.11
C CYS B 135 5.15 20.70 -13.69
N LEU B 136 6.12 20.35 -12.85
CA LEU B 136 6.08 20.64 -11.43
C LEU B 136 7.15 21.67 -11.06
N LEU B 137 6.72 22.75 -10.40
CA LEU B 137 7.60 23.77 -9.82
C LEU B 137 7.58 23.60 -8.30
N ASN B 138 8.63 23.02 -7.72
CA ASN B 138 8.58 22.62 -6.33
C ASN B 138 9.31 23.62 -5.43
N ASN B 139 8.64 23.99 -4.33
CA ASN B 139 9.22 24.73 -3.20
C ASN B 139 9.92 26.01 -3.63
N PHE B 140 9.12 26.96 -4.11
CA PHE B 140 9.68 28.22 -4.57
C PHE B 140 9.03 29.41 -3.89
N TYR B 141 9.73 30.56 -3.99
CA TYR B 141 9.27 31.84 -3.46
C TYR B 141 9.96 32.95 -4.23
N PRO B 142 9.25 34.01 -4.64
CA PRO B 142 7.84 34.28 -4.37
C PRO B 142 6.95 33.53 -5.36
N ARG B 143 5.63 33.70 -5.23
CA ARG B 143 4.69 32.89 -6.01
C ARG B 143 4.73 33.22 -7.49
N GLU B 144 5.14 34.43 -7.85
CA GLU B 144 5.15 34.84 -9.26
C GLU B 144 6.05 33.90 -10.06
N ALA B 145 5.53 33.40 -11.18
CA ALA B 145 6.31 32.50 -12.02
C ALA B 145 5.58 32.26 -13.34
N LYS B 146 6.36 32.13 -14.41
CA LYS B 146 5.85 31.90 -15.75
C LYS B 146 6.20 30.48 -16.20
N VAL B 147 5.22 29.80 -16.78
CA VAL B 147 5.41 28.46 -17.32
C VAL B 147 4.88 28.45 -18.75
N GLN B 148 5.75 28.20 -19.72
CA GLN B 148 5.39 28.16 -21.13
C GLN B 148 5.56 26.74 -21.66
N TRP B 149 4.55 26.23 -22.35
CA TRP B 149 4.59 24.91 -22.95
C TRP B 149 4.98 25.02 -24.43
N LYS B 150 5.89 24.14 -24.86
CA LYS B 150 6.41 24.14 -26.22
C LYS B 150 6.38 22.72 -26.78
N VAL B 151 5.51 22.48 -27.76
CA VAL B 151 5.39 21.20 -28.44
C VAL B 151 6.11 21.30 -29.77
N ASP B 152 7.23 20.60 -29.90
CA ASP B 152 8.11 20.76 -31.06
C ASP B 152 8.39 22.24 -31.30
N ASN B 153 8.76 22.93 -30.21
CA ASN B 153 9.18 24.32 -30.23
C ASN B 153 8.02 25.28 -30.47
N ALA B 154 6.86 24.75 -30.87
CA ALA B 154 5.66 25.57 -31.09
C ALA B 154 5.06 25.93 -29.74
N LEU B 155 5.08 27.23 -29.39
CA LEU B 155 4.57 27.66 -28.10
C LEU B 155 3.07 27.38 -27.97
N GLN B 156 2.69 26.70 -26.90
CA GLN B 156 1.30 26.32 -26.70
C GLN B 156 0.54 27.44 -26.00
N SER B 157 -0.79 27.40 -26.14
CA SER B 157 -1.65 28.47 -25.66
C SER B 157 -3.07 27.94 -25.52
N GLY B 158 -3.64 28.07 -24.32
CA GLY B 158 -5.05 27.78 -24.11
C GLY B 158 -5.39 26.34 -23.83
N ASN B 159 -4.40 25.44 -23.72
CA ASN B 159 -4.66 24.03 -23.47
C ASN B 159 -4.03 23.54 -22.17
N SER B 160 -3.82 24.44 -21.20
CA SER B 160 -3.10 24.11 -19.98
C SER B 160 -3.73 24.82 -18.79
N GLN B 161 -3.92 24.09 -17.70
CA GLN B 161 -4.34 24.64 -16.41
C GLN B 161 -3.17 24.61 -15.44
N GLU B 162 -3.29 25.42 -14.37
CA GLU B 162 -2.23 25.64 -13.40
C GLU B 162 -2.83 25.71 -11.99
N SER B 163 -2.14 25.14 -11.00
CA SER B 163 -2.61 25.35 -9.63
C SER B 163 -1.42 25.34 -8.69
N VAL B 164 -1.64 25.95 -7.52
CA VAL B 164 -0.59 26.34 -6.61
C VAL B 164 -0.98 25.92 -5.20
N THR B 165 -0.02 25.46 -4.42
CA THR B 165 -0.34 25.18 -3.05
C THR B 165 -0.41 26.47 -2.24
N GLU B 166 -0.85 26.34 -1.00
CA GLU B 166 -0.64 27.38 -0.01
C GLU B 166 0.81 27.40 0.44
N GLN B 167 1.22 28.52 1.06
CA GLN B 167 2.55 28.58 1.65
C GLN B 167 2.75 27.41 2.60
N ASP B 168 3.84 26.68 2.38
CA ASP B 168 4.18 25.57 3.26
C ASP B 168 4.37 26.06 4.70
N SER B 169 3.92 25.26 5.67
CA SER B 169 3.93 25.67 7.07
C SER B 169 5.32 25.66 7.67
N LYS B 170 6.27 24.93 7.06
CA LYS B 170 7.65 24.85 7.52
C LYS B 170 8.55 25.90 6.84
N ASP B 171 8.53 25.98 5.51
CA ASP B 171 9.47 26.84 4.79
C ASP B 171 8.81 27.97 4.01
N SER B 172 7.50 28.15 4.14
CA SER B 172 6.80 29.32 3.58
C SER B 172 6.87 29.39 2.07
N THR B 173 7.21 28.28 1.41
CA THR B 173 7.33 28.27 -0.04
C THR B 173 6.03 27.80 -0.67
N TYR B 174 5.92 28.03 -1.97
CA TYR B 174 4.84 27.53 -2.81
C TYR B 174 5.34 26.38 -3.66
N SER B 175 4.39 25.57 -4.12
CA SER B 175 4.65 24.64 -5.20
C SER B 175 3.59 24.84 -6.27
N LEU B 176 3.95 24.56 -7.51
CA LEU B 176 3.07 24.84 -8.62
C LEU B 176 3.06 23.67 -9.59
N SER B 177 1.89 23.35 -10.12
CA SER B 177 1.75 22.37 -11.17
C SER B 177 1.15 23.05 -12.40
N SER B 178 1.65 22.67 -13.58
CA SER B 178 1.05 23.07 -14.83
C SER B 178 0.74 21.83 -15.65
N THR B 179 -0.50 21.72 -16.13
CA THR B 179 -0.97 20.52 -16.81
C THR B 179 -1.39 20.89 -18.23
N LEU B 180 -0.72 20.29 -19.22
CA LEU B 180 -1.03 20.45 -20.63
C LEU B 180 -1.86 19.26 -21.11
N THR B 181 -3.05 19.53 -21.63
CA THR B 181 -3.98 18.48 -22.02
C THR B 181 -4.10 18.41 -23.53
N LEU B 182 -3.82 17.25 -24.09
CA LEU B 182 -3.88 17.02 -25.53
C LEU B 182 -4.71 15.77 -25.79
N SER B 183 -5.19 15.66 -27.03
CA SER B 183 -5.72 14.38 -27.48
C SER B 183 -4.56 13.45 -27.82
N LYS B 184 -4.81 12.15 -27.70
CA LYS B 184 -3.78 11.19 -28.06
C LYS B 184 -3.28 11.44 -29.49
N ALA B 185 -4.20 11.78 -30.40
CA ALA B 185 -3.83 12.06 -31.78
C ALA B 185 -2.77 13.14 -31.85
N ASP B 186 -3.03 14.31 -31.27
CA ASP B 186 -2.09 15.42 -31.35
C ASP B 186 -0.81 15.13 -30.57
N TYR B 187 -0.93 14.49 -29.41
CA TYR B 187 0.29 14.10 -28.68
C TYR B 187 1.20 13.24 -29.55
N GLU B 188 0.62 12.35 -30.33
CA GLU B 188 1.40 11.42 -31.13
C GLU B 188 1.88 12.02 -32.45
N LYS B 189 1.61 13.29 -32.70
CA LYS B 189 2.04 13.97 -33.91
C LYS B 189 3.25 14.87 -33.68
N HIS B 190 3.85 14.84 -32.50
CA HIS B 190 4.99 15.68 -32.18
C HIS B 190 5.99 14.88 -31.36
N LYS B 191 7.22 15.39 -31.30
CA LYS B 191 8.32 14.68 -30.66
C LYS B 191 8.74 15.32 -29.34
N VAL B 192 9.10 16.60 -29.35
CA VAL B 192 9.72 17.24 -28.20
C VAL B 192 8.67 17.99 -27.40
N TYR B 193 8.62 17.72 -26.09
CA TYR B 193 7.70 18.37 -25.17
C TYR B 193 8.52 19.09 -24.11
N ALA B 194 8.23 20.38 -23.91
CA ALA B 194 9.08 21.26 -23.13
C ALA B 194 8.26 22.17 -22.22
N CYS B 195 8.78 22.38 -21.03
CA CYS B 195 8.20 23.28 -20.03
C CYS B 195 9.26 24.31 -19.70
N GLU B 196 8.96 25.59 -19.94
CA GLU B 196 9.90 26.67 -19.67
C GLU B 196 9.41 27.47 -18.48
N VAL B 197 10.29 27.63 -17.49
CA VAL B 197 9.94 28.16 -16.17
C VAL B 197 10.74 29.43 -15.93
N THR B 198 10.03 30.55 -15.73
CA THR B 198 10.62 31.84 -15.43
C THR B 198 10.35 32.20 -13.98
N HIS B 199 11.41 32.37 -13.19
CA HIS B 199 11.27 32.77 -11.79
C HIS B 199 12.46 33.64 -11.39
N GLN B 200 12.28 34.35 -10.27
CA GLN B 200 13.32 35.25 -9.76
C GLN B 200 14.55 34.50 -9.31
N GLY B 201 14.38 33.33 -8.69
CA GLY B 201 15.53 32.59 -8.22
C GLY B 201 16.34 31.94 -9.32
N LEU B 202 15.89 32.04 -10.56
CA LEU B 202 16.53 31.41 -11.71
C LEU B 202 17.37 32.46 -12.43
N SER B 203 18.68 32.24 -12.53
CA SER B 203 19.53 33.13 -13.32
C SER B 203 18.93 33.38 -14.70
N SER B 204 18.40 32.33 -15.33
CA SER B 204 17.68 32.46 -16.58
C SER B 204 16.66 31.34 -16.65
N PRO B 205 15.60 31.50 -17.46
CA PRO B 205 14.54 30.49 -17.50
C PRO B 205 15.11 29.07 -17.61
N VAL B 206 14.61 28.18 -16.74
CA VAL B 206 14.90 26.76 -16.84
C VAL B 206 13.88 26.11 -17.75
N THR B 207 14.32 25.12 -18.50
CA THR B 207 13.46 24.41 -19.43
C THR B 207 13.70 22.92 -19.27
N LYS B 208 12.64 22.18 -18.96
CA LYS B 208 12.67 20.73 -18.86
C LYS B 208 11.86 20.15 -20.01
N SER B 209 12.31 19.03 -20.56
CA SER B 209 11.67 18.49 -21.75
C SER B 209 11.95 17.00 -21.85
N PHE B 210 11.22 16.36 -22.77
CA PHE B 210 11.43 14.96 -23.11
C PHE B 210 11.00 14.74 -24.56
N ASN B 211 11.47 13.63 -25.13
CA ASN B 211 11.07 13.19 -26.46
C ASN B 211 10.14 12.00 -26.32
N ARG B 212 8.98 12.08 -26.97
CA ARG B 212 7.91 11.07 -26.84
C ARG B 212 8.45 9.66 -26.69
N GLY B 213 9.60 9.37 -27.29
CA GLY B 213 10.27 8.10 -27.05
C GLY B 213 10.61 7.85 -25.59
N GLU C 1 22.80 -18.59 -21.22
CA GLU C 1 22.42 -18.85 -22.61
C GLU C 1 21.71 -20.20 -22.77
N VAL C 2 22.24 -21.28 -22.18
CA VAL C 2 21.47 -22.51 -22.07
C VAL C 2 20.18 -22.21 -21.33
N GLN C 3 19.06 -22.66 -21.88
CA GLN C 3 17.76 -22.42 -21.28
C GLN C 3 16.83 -23.62 -21.41
N LEU C 4 16.12 -23.94 -20.32
CA LEU C 4 15.11 -24.97 -20.27
C LEU C 4 13.85 -24.35 -19.73
N VAL C 5 12.79 -24.34 -20.53
CA VAL C 5 11.54 -23.70 -20.15
C VAL C 5 10.47 -24.78 -20.10
N GLU C 6 9.89 -24.96 -18.94
CA GLU C 6 8.84 -25.94 -18.72
C GLU C 6 7.46 -25.32 -18.83
N SER C 7 6.51 -26.16 -19.21
CA SER C 7 5.11 -25.76 -19.36
C SER C 7 4.25 -27.00 -19.23
N GLY C 8 2.96 -26.78 -19.03
CA GLY C 8 1.99 -27.83 -19.01
C GLY C 8 1.51 -28.24 -17.63
N GLY C 9 2.08 -27.70 -16.57
CA GLY C 9 1.54 -27.96 -15.25
C GLY C 9 0.12 -27.46 -15.13
N GLY C 10 -0.58 -27.97 -14.12
CA GLY C 10 -1.88 -27.45 -13.80
C GLY C 10 -2.60 -28.42 -12.88
N VAL C 11 -3.91 -28.19 -12.74
CA VAL C 11 -4.77 -29.03 -11.91
C VAL C 11 -5.28 -30.19 -12.74
N VAL C 12 -5.28 -31.38 -12.15
CA VAL C 12 -5.89 -32.55 -12.78
C VAL C 12 -6.53 -33.40 -11.70
N GLN C 13 -7.61 -34.07 -12.06
CA GLN C 13 -8.28 -34.97 -11.14
C GLN C 13 -7.53 -36.29 -10.98
N PRO C 14 -7.60 -36.91 -9.80
CA PRO C 14 -7.02 -38.23 -9.61
C PRO C 14 -7.51 -39.19 -10.69
N GLY C 15 -6.58 -39.97 -11.23
CA GLY C 15 -6.87 -40.81 -12.37
C GLY C 15 -6.69 -40.14 -13.71
N GLY C 16 -6.53 -38.81 -13.74
CA GLY C 16 -6.39 -38.08 -14.99
C GLY C 16 -4.98 -38.14 -15.57
N SER C 17 -4.78 -37.37 -16.63
CA SER C 17 -3.57 -37.37 -17.43
C SER C 17 -3.13 -35.92 -17.65
N LEU C 18 -1.84 -35.77 -17.90
CA LEU C 18 -1.21 -34.45 -18.01
C LEU C 18 0.08 -34.61 -18.79
N ARG C 19 0.38 -33.68 -19.68
CA ARG C 19 1.63 -33.71 -20.44
C ARG C 19 2.47 -32.49 -20.12
N LEU C 20 3.68 -32.71 -19.60
CA LEU C 20 4.63 -31.63 -19.36
C LEU C 20 5.61 -31.53 -20.53
N SER C 21 6.04 -30.29 -20.79
CA SER C 21 6.98 -29.97 -21.84
C SER C 21 8.17 -29.23 -21.26
N CYS C 22 9.33 -29.48 -21.85
CA CYS C 22 10.58 -28.83 -21.51
C CYS C 22 11.18 -28.35 -22.83
N ALA C 23 11.05 -27.05 -23.13
CA ALA C 23 11.59 -26.47 -24.35
C ALA C 23 13.02 -26.00 -24.11
N ALA C 24 13.97 -26.55 -24.86
CA ALA C 24 15.37 -26.21 -24.66
C ALA C 24 15.84 -25.23 -25.73
N SER C 25 16.84 -24.43 -25.36
CA SER C 25 17.51 -23.54 -26.31
C SER C 25 18.92 -23.27 -25.82
N GLY C 26 19.79 -22.90 -26.77
CA GLY C 26 21.13 -22.46 -26.43
C GLY C 26 22.15 -23.57 -26.31
N PHE C 27 21.83 -24.78 -26.77
CA PHE C 27 22.80 -25.86 -26.78
C PHE C 27 22.31 -26.91 -27.76
N ASN C 28 23.20 -27.85 -28.10
CA ASN C 28 22.83 -28.96 -28.97
C ASN C 28 22.00 -29.96 -28.15
N PHE C 29 20.69 -29.78 -28.19
CA PHE C 29 19.75 -30.63 -27.46
C PHE C 29 20.06 -32.10 -27.66
N ASN C 30 20.36 -32.51 -28.90
CA ASN C 30 20.55 -33.89 -29.27
C ASN C 30 21.80 -34.51 -28.69
N ASN C 31 22.61 -33.75 -27.98
CA ASN C 31 23.83 -34.30 -27.40
C ASN C 31 23.67 -34.76 -25.95
N TYR C 32 22.48 -34.59 -25.34
CA TYR C 32 22.35 -34.72 -23.89
C TYR C 32 21.21 -35.65 -23.50
N ALA C 33 21.48 -36.56 -22.57
CA ALA C 33 20.41 -37.15 -21.78
C ALA C 33 19.72 -36.06 -20.97
N LEU C 34 18.42 -36.17 -20.80
CA LEU C 34 17.65 -35.25 -19.99
C LEU C 34 16.86 -36.06 -18.99
N HIS C 35 16.56 -35.46 -17.84
CA HIS C 35 15.79 -36.10 -16.77
C HIS C 35 14.62 -35.21 -16.36
N TRP C 36 13.64 -35.83 -15.70
CA TRP C 36 12.64 -35.13 -14.90
C TRP C 36 12.88 -35.43 -13.43
N VAL C 37 12.77 -34.40 -12.61
CA VAL C 37 12.92 -34.49 -11.16
C VAL C 37 11.77 -33.74 -10.51
N ARG C 38 11.24 -34.25 -9.40
CA ARG C 38 10.11 -33.57 -8.80
C ARG C 38 10.33 -33.33 -7.31
N GLN C 39 9.52 -32.43 -6.75
CA GLN C 39 9.57 -32.17 -5.32
C GLN C 39 8.15 -32.04 -4.80
N ALA C 40 7.75 -32.97 -3.95
CA ALA C 40 6.46 -32.91 -3.27
C ALA C 40 6.55 -31.99 -2.04
N PRO C 41 5.44 -31.37 -1.65
CA PRO C 41 5.47 -30.47 -0.48
C PRO C 41 6.15 -31.11 0.72
N GLY C 42 7.13 -30.39 1.28
CA GLY C 42 7.85 -30.84 2.46
C GLY C 42 8.81 -32.00 2.25
N LYS C 43 9.09 -32.40 1.02
CA LYS C 43 9.93 -33.55 0.78
C LYS C 43 11.13 -33.13 -0.07
N GLY C 44 12.11 -34.02 -0.16
CA GLY C 44 13.29 -33.75 -0.94
C GLY C 44 13.08 -34.03 -2.41
N LEU C 45 14.07 -33.61 -3.21
CA LEU C 45 14.05 -33.90 -4.64
C LEU C 45 13.91 -35.40 -4.87
N GLU C 46 13.07 -35.78 -5.83
CA GLU C 46 12.86 -37.17 -6.20
C GLU C 46 13.05 -37.34 -7.70
N TRP C 47 13.96 -38.22 -8.10
CA TRP C 47 14.21 -38.50 -9.51
C TRP C 47 12.99 -39.19 -10.12
N VAL C 48 12.60 -38.77 -11.32
CA VAL C 48 11.39 -39.28 -11.96
C VAL C 48 11.72 -40.17 -13.16
N ALA C 49 12.63 -39.73 -14.03
CA ALA C 49 12.84 -40.44 -15.29
C ALA C 49 14.05 -39.85 -16.00
N ILE C 50 14.64 -40.65 -16.89
CA ILE C 50 15.73 -40.24 -17.78
C ILE C 50 15.38 -40.70 -19.19
N ILE C 51 15.84 -39.94 -20.18
CA ILE C 51 15.81 -40.36 -21.58
C ILE C 51 17.18 -40.08 -22.19
N SER C 52 17.72 -41.07 -22.91
CA SER C 52 19.05 -40.92 -23.50
C SER C 52 19.03 -39.90 -24.63
N TYR C 53 20.23 -39.48 -25.05
CA TYR C 53 20.37 -38.41 -26.05
C TYR C 53 19.68 -38.74 -27.38
N GLU C 54 19.70 -40.01 -27.82
CA GLU C 54 19.01 -40.42 -29.05
C GLU C 54 17.67 -41.12 -28.78
N ALA C 55 17.10 -40.93 -27.59
CA ALA C 55 15.80 -41.45 -27.21
C ALA C 55 15.71 -42.98 -27.18
N ARG C 56 16.82 -43.71 -27.32
CA ARG C 56 16.75 -45.17 -27.36
C ARG C 56 16.56 -45.80 -25.97
N ASN C 57 17.07 -45.20 -24.90
CA ASN C 57 16.96 -45.79 -23.58
C ASN C 57 16.21 -44.85 -22.65
N LYS C 58 15.33 -45.43 -21.81
CA LYS C 58 14.49 -44.72 -20.85
C LYS C 58 14.42 -45.53 -19.56
N LYS C 59 14.42 -44.82 -18.43
CA LYS C 59 14.17 -45.45 -17.15
C LYS C 59 13.28 -44.53 -16.32
N TYR C 60 12.59 -45.13 -15.33
CA TYR C 60 11.58 -44.45 -14.54
C TYR C 60 11.79 -44.78 -13.07
N GLY C 61 11.50 -43.80 -12.21
CA GLY C 61 11.44 -44.09 -10.80
C GLY C 61 10.38 -45.14 -10.49
N VAL C 62 10.63 -45.91 -9.44
CA VAL C 62 9.71 -46.97 -9.04
C VAL C 62 8.31 -46.43 -8.75
N SER C 63 8.22 -45.20 -8.23
CA SER C 63 6.94 -44.59 -7.89
C SER C 63 6.08 -44.29 -9.10
N VAL C 64 6.66 -44.13 -10.29
CA VAL C 64 5.93 -43.69 -11.46
C VAL C 64 5.96 -44.71 -12.58
N MET C 65 6.69 -45.81 -12.41
CA MET C 65 6.83 -46.79 -13.47
C MET C 65 5.47 -47.36 -13.85
N GLY C 66 5.23 -47.47 -15.15
CA GLY C 66 3.97 -47.97 -15.66
C GLY C 66 2.89 -46.91 -15.82
N ARG C 67 3.13 -45.69 -15.36
CA ARG C 67 2.15 -44.62 -15.50
C ARG C 67 2.67 -43.43 -16.29
N PHE C 68 3.96 -43.15 -16.23
CA PHE C 68 4.55 -42.01 -16.90
C PHE C 68 5.29 -42.49 -18.13
N SER C 69 5.39 -41.61 -19.11
CA SER C 69 6.08 -41.93 -20.34
C SER C 69 6.89 -40.73 -20.78
N ILE C 70 8.19 -40.92 -20.94
CA ILE C 70 9.09 -39.84 -21.30
C ILE C 70 9.45 -39.97 -22.77
N SER C 71 9.53 -38.83 -23.46
CA SER C 71 9.89 -38.83 -24.87
C SER C 71 10.57 -37.51 -25.21
N ARG C 72 11.14 -37.43 -26.41
CA ARG C 72 11.81 -36.21 -26.84
C ARG C 72 11.66 -36.04 -28.34
N ASP C 73 11.50 -34.80 -28.78
CA ASP C 73 11.50 -34.46 -30.19
C ASP C 73 12.87 -33.86 -30.52
N ASN C 74 13.75 -34.67 -31.11
CA ASN C 74 15.10 -34.21 -31.42
C ASN C 74 15.17 -33.33 -32.68
N SER C 75 14.06 -32.77 -33.14
CA SER C 75 14.11 -31.77 -34.21
C SER C 75 13.55 -30.42 -33.79
N LYS C 76 12.75 -30.35 -32.74
CA LYS C 76 12.37 -29.08 -32.15
C LYS C 76 12.96 -28.86 -30.76
N SER C 77 13.81 -29.77 -30.29
CA SER C 77 14.52 -29.57 -29.00
C SER C 77 13.52 -29.42 -27.84
N ILE C 78 12.63 -30.40 -27.70
CA ILE C 78 11.62 -30.40 -26.66
C ILE C 78 11.54 -31.79 -26.05
N MET C 79 11.53 -31.85 -24.72
CA MET C 79 11.28 -33.10 -24.01
C MET C 79 9.89 -33.09 -23.43
N TYR C 80 9.28 -34.27 -23.34
CA TYR C 80 7.92 -34.41 -22.82
C TYR C 80 7.88 -35.46 -21.73
N LEU C 81 6.98 -35.24 -20.75
CA LEU C 81 6.65 -36.24 -19.75
C LEU C 81 5.15 -36.40 -19.79
N GLU C 82 4.68 -37.56 -20.28
CA GLU C 82 3.26 -37.89 -20.28
C GLU C 82 2.94 -38.61 -18.96
N MET C 83 2.02 -38.05 -18.17
CA MET C 83 1.65 -38.61 -16.87
C MET C 83 0.22 -39.12 -16.95
N ASN C 84 0.03 -40.44 -16.80
CA ASN C 84 -1.29 -41.04 -16.76
C ASN C 84 -1.61 -41.54 -15.36
N SER C 85 -2.89 -41.82 -15.09
CA SER C 85 -3.33 -42.42 -13.82
C SER C 85 -2.77 -41.64 -12.62
N LEU C 86 -2.89 -40.32 -12.66
CA LEU C 86 -2.24 -39.48 -11.68
C LEU C 86 -2.85 -39.69 -10.30
N ARG C 87 -2.00 -39.64 -9.28
CA ARG C 87 -2.38 -39.84 -7.89
C ARG C 87 -2.15 -38.56 -7.11
N VAL C 88 -2.86 -38.41 -5.98
CA VAL C 88 -2.69 -37.21 -5.18
C VAL C 88 -1.22 -37.00 -4.82
N GLU C 89 -0.50 -38.09 -4.59
CA GLU C 89 0.89 -38.03 -4.17
C GLU C 89 1.84 -37.67 -5.32
N ASP C 90 1.34 -37.54 -6.55
CA ASP C 90 2.13 -37.01 -7.67
C ASP C 90 2.17 -35.48 -7.66
N THR C 91 1.44 -34.86 -6.73
CA THR C 91 1.44 -33.41 -6.61
C THR C 91 2.84 -32.93 -6.26
N GLY C 92 3.25 -31.85 -6.90
CA GLY C 92 4.54 -31.26 -6.63
C GLY C 92 5.00 -30.39 -7.77
N VAL C 93 6.21 -29.85 -7.61
CA VAL C 93 6.90 -29.10 -8.64
C VAL C 93 7.75 -30.08 -9.45
N TYR C 94 7.68 -29.97 -10.77
CA TYR C 94 8.40 -30.86 -11.68
C TYR C 94 9.42 -30.03 -12.44
N TYR C 95 10.68 -30.49 -12.42
CA TYR C 95 11.80 -29.85 -13.10
C TYR C 95 12.32 -30.77 -14.19
N CYS C 96 12.73 -30.19 -15.31
CA CYS C 96 13.58 -30.90 -16.24
C CYS C 96 15.02 -30.47 -16.01
N ALA C 97 15.95 -31.33 -16.39
CA ALA C 97 17.35 -31.02 -16.13
C ALA C 97 18.20 -31.63 -17.23
N ARG C 98 19.29 -30.94 -17.54
CA ARG C 98 20.27 -31.44 -18.50
C ARG C 98 21.36 -32.22 -17.77
N ASP C 99 21.64 -33.43 -18.25
CA ASP C 99 22.67 -34.29 -17.64
C ASP C 99 23.97 -34.19 -18.45
N LEU C 100 25.09 -34.00 -17.75
CA LEU C 100 26.39 -33.92 -18.42
C LEU C 100 26.96 -35.29 -18.77
N PHE C 101 26.45 -36.38 -18.17
CA PHE C 101 27.06 -37.70 -18.32
C PHE C 101 27.21 -38.10 -19.79
N LEU C 102 28.42 -38.46 -20.17
CA LEU C 102 28.78 -38.92 -21.52
C LEU C 102 28.55 -37.87 -22.60
N SER C 103 28.23 -36.62 -22.25
CA SER C 103 27.94 -35.64 -23.28
C SER C 103 29.20 -35.15 -23.99
N ASP C 104 30.36 -35.29 -23.38
CA ASP C 104 31.64 -34.93 -24.02
C ASP C 104 32.26 -36.11 -24.75
N TYR C 105 31.46 -37.14 -25.05
CA TYR C 105 32.03 -38.41 -25.49
C TYR C 105 32.85 -38.26 -26.76
N ASP C 106 32.34 -37.47 -27.72
CA ASP C 106 33.03 -37.32 -28.99
C ASP C 106 34.43 -36.73 -28.80
N ARG C 107 34.56 -35.78 -27.86
CA ARG C 107 35.85 -35.12 -27.64
C ARG C 107 36.75 -35.89 -26.70
N SER C 108 36.20 -36.50 -25.65
CA SER C 108 37.04 -37.10 -24.62
C SER C 108 36.67 -38.52 -24.25
N GLY C 109 35.78 -39.18 -25.00
CA GLY C 109 35.54 -40.58 -24.69
C GLY C 109 34.75 -40.80 -23.41
N TYR C 110 34.86 -42.02 -22.88
CA TYR C 110 34.08 -42.44 -21.73
C TYR C 110 34.79 -42.06 -20.44
N ASP C 111 34.23 -41.10 -19.71
CA ASP C 111 34.78 -40.66 -18.43
C ASP C 111 33.64 -40.65 -17.43
N PRO C 112 33.45 -41.73 -16.68
CA PRO C 112 32.31 -41.79 -15.76
C PRO C 112 32.40 -40.78 -14.59
N THR C 113 33.53 -40.06 -14.43
CA THR C 113 33.57 -38.99 -13.42
C THR C 113 32.84 -37.73 -13.88
N ARG C 114 32.76 -37.49 -15.19
CA ARG C 114 32.02 -36.33 -15.69
C ARG C 114 30.52 -36.60 -15.57
N GLY C 115 29.81 -35.75 -14.83
CA GLY C 115 28.38 -35.90 -14.75
C GLY C 115 27.78 -34.75 -14.00
N GLY C 116 26.55 -34.96 -13.53
CA GLY C 116 25.83 -33.88 -12.86
C GLY C 116 24.81 -33.23 -13.78
N PHE C 117 23.76 -32.67 -13.16
CA PHE C 117 22.74 -31.93 -13.91
C PHE C 117 23.11 -30.45 -13.88
N ASP C 118 23.68 -29.93 -14.98
CA ASP C 118 24.25 -28.59 -14.89
C ASP C 118 23.25 -27.48 -15.20
N HIS C 119 22.07 -27.80 -15.73
CA HIS C 119 21.05 -26.79 -15.94
C HIS C 119 19.67 -27.39 -15.67
N TRP C 120 18.81 -26.59 -15.06
CA TRP C 120 17.48 -27.01 -14.65
C TRP C 120 16.44 -26.05 -15.19
N GLY C 121 15.24 -26.58 -15.47
CA GLY C 121 14.12 -25.72 -15.74
C GLY C 121 13.67 -24.97 -14.49
N GLN C 122 12.75 -24.03 -14.70
CA GLN C 122 12.21 -23.26 -13.58
C GLN C 122 11.19 -24.02 -12.76
N GLY C 123 10.71 -25.16 -13.24
CA GLY C 123 9.75 -25.90 -12.47
C GLY C 123 8.33 -25.57 -12.83
N THR C 124 7.48 -26.59 -12.91
CA THR C 124 6.06 -26.39 -13.19
C THR C 124 5.26 -27.12 -12.11
N LEU C 125 4.21 -26.47 -11.60
CA LEU C 125 3.44 -27.01 -10.48
C LEU C 125 2.34 -27.94 -10.99
N VAL C 126 2.33 -29.17 -10.49
CA VAL C 126 1.31 -30.15 -10.83
C VAL C 126 0.48 -30.39 -9.59
N THR C 127 -0.83 -30.15 -9.69
CA THR C 127 -1.75 -30.35 -8.58
C THR C 127 -2.75 -31.44 -8.96
N VAL C 128 -2.70 -32.55 -8.25
CA VAL C 128 -3.62 -33.65 -8.49
C VAL C 128 -4.64 -33.64 -7.37
N SER C 129 -5.89 -33.39 -7.70
CA SER C 129 -6.88 -33.19 -6.65
C SER C 129 -8.28 -33.20 -7.24
N SER C 130 -9.24 -33.60 -6.43
CA SER C 130 -10.63 -33.57 -6.86
C SER C 130 -11.31 -32.25 -6.49
N ALA C 131 -10.57 -31.30 -5.91
CA ALA C 131 -11.15 -30.01 -5.59
C ALA C 131 -11.37 -29.19 -6.84
N SER C 132 -12.28 -28.22 -6.75
CA SER C 132 -12.54 -27.31 -7.86
C SER C 132 -12.10 -25.91 -7.50
N THR C 133 -11.81 -25.12 -8.52
CA THR C 133 -11.25 -23.80 -8.31
C THR C 133 -12.16 -22.96 -7.43
N LYS C 134 -11.55 -22.27 -6.47
CA LYS C 134 -12.32 -21.45 -5.54
C LYS C 134 -11.39 -20.37 -4.99
N GLY C 135 -11.91 -19.15 -4.92
CA GLY C 135 -11.19 -18.05 -4.34
C GLY C 135 -11.31 -18.05 -2.83
N PRO C 136 -10.37 -17.39 -2.15
CA PRO C 136 -10.34 -17.44 -0.70
C PRO C 136 -11.32 -16.48 -0.06
N SER C 137 -11.70 -16.81 1.17
CA SER C 137 -12.24 -15.80 2.08
C SER C 137 -11.08 -15.24 2.89
N VAL C 138 -11.06 -13.93 3.04
CA VAL C 138 -10.02 -13.27 3.83
C VAL C 138 -10.65 -12.77 5.12
N PHE C 139 -10.12 -13.22 6.24
CA PHE C 139 -10.59 -12.81 7.56
C PHE C 139 -9.50 -12.05 8.30
N PRO C 140 -9.87 -11.02 9.05
CA PRO C 140 -8.85 -10.25 9.78
C PRO C 140 -8.35 -11.03 10.99
N LEU C 141 -7.09 -10.79 11.33
CA LEU C 141 -6.50 -11.24 12.58
C LEU C 141 -6.27 -9.97 13.40
N ALA C 142 -7.26 -9.61 14.20
CA ALA C 142 -7.26 -8.29 14.80
C ALA C 142 -6.21 -8.21 15.90
N PRO C 143 -5.50 -7.08 16.03
CA PRO C 143 -4.60 -6.91 17.17
C PRO C 143 -5.38 -6.82 18.47
N SER C 144 -4.78 -7.35 19.53
CA SER C 144 -5.38 -7.29 20.87
C SER C 144 -4.87 -6.07 21.63
N GLY C 151 5.01 -2.87 23.62
CA GLY C 151 4.83 -1.83 22.63
C GLY C 151 4.82 -2.34 21.20
N THR C 152 4.73 -3.65 21.03
CA THR C 152 4.64 -4.27 19.71
C THR C 152 3.32 -5.02 19.63
N ALA C 153 2.52 -4.68 18.62
CA ALA C 153 1.27 -5.38 18.35
C ALA C 153 1.41 -6.20 17.06
N ALA C 154 0.67 -7.30 17.00
CA ALA C 154 0.67 -8.19 15.84
C ALA C 154 -0.74 -8.24 15.28
N LEU C 155 -0.83 -8.16 13.95
CA LEU C 155 -2.12 -8.27 13.27
C LEU C 155 -1.91 -9.02 11.97
N GLY C 156 -2.99 -9.47 11.36
CA GLY C 156 -2.83 -10.11 10.08
C GLY C 156 -4.14 -10.48 9.41
N CYS C 157 -4.02 -11.38 8.44
N CYS C 157 -4.04 -11.34 8.41
CA CYS C 157 -5.16 -11.86 7.68
CA CYS C 157 -5.23 -11.82 7.70
C CYS C 157 -5.07 -13.36 7.56
C CYS C 157 -5.10 -13.32 7.44
N LEU C 158 -6.22 -14.02 7.61
CA LEU C 158 -6.33 -15.44 7.39
C LEU C 158 -6.96 -15.62 6.02
N VAL C 159 -6.22 -16.18 5.08
CA VAL C 159 -6.68 -16.39 3.73
C VAL C 159 -7.11 -17.85 3.63
N LYS C 160 -8.41 -18.10 3.72
CA LYS C 160 -8.89 -19.45 3.97
C LYS C 160 -9.66 -20.00 2.78
N ASP C 161 -9.48 -21.30 2.54
CA ASP C 161 -10.34 -22.08 1.65
C ASP C 161 -10.22 -21.65 0.19
N TYR C 162 -9.03 -21.73 -0.38
CA TYR C 162 -8.85 -21.47 -1.79
C TYR C 162 -8.25 -22.68 -2.49
N PHE C 163 -8.44 -22.74 -3.81
CA PHE C 163 -7.86 -23.81 -4.61
C PHE C 163 -7.79 -23.38 -6.06
N PRO C 164 -6.67 -23.64 -6.76
CA PRO C 164 -5.42 -24.22 -6.27
C PRO C 164 -4.44 -23.14 -5.77
N GLU C 165 -3.23 -23.54 -5.36
CA GLU C 165 -2.17 -22.57 -5.14
C GLU C 165 -1.93 -21.82 -6.45
N PRO C 166 -1.33 -20.62 -6.39
CA PRO C 166 -0.88 -19.87 -5.20
C PRO C 166 -1.76 -18.66 -4.93
N VAL C 167 -1.74 -18.09 -3.72
CA VAL C 167 -2.23 -16.73 -3.50
C VAL C 167 -1.01 -15.85 -3.22
N THR C 168 -1.14 -14.57 -3.54
CA THR C 168 -0.16 -13.59 -3.08
C THR C 168 -0.81 -12.67 -2.05
N VAL C 169 0.01 -12.19 -1.12
CA VAL C 169 -0.45 -11.26 -0.10
C VAL C 169 0.55 -10.13 -0.02
N SER C 170 0.05 -8.90 0.00
CA SER C 170 0.86 -7.74 0.33
C SER C 170 0.12 -6.96 1.39
N TRP C 171 0.83 -6.02 2.01
CA TRP C 171 0.25 -5.15 3.00
C TRP C 171 0.36 -3.71 2.54
N ASN C 172 -0.71 -2.95 2.72
CA ASN C 172 -0.77 -1.57 2.27
C ASN C 172 -0.21 -1.45 0.86
N SER C 173 -0.64 -2.40 0.00
CA SER C 173 -0.34 -2.44 -1.42
C SER C 173 1.16 -2.53 -1.71
N GLY C 174 1.95 -2.96 -0.72
CA GLY C 174 3.38 -3.13 -0.91
C GLY C 174 4.22 -2.08 -0.25
N ALA C 175 3.60 -1.05 0.33
CA ALA C 175 4.36 -0.05 1.06
C ALA C 175 4.84 -0.54 2.42
N LEU C 176 4.24 -1.61 2.93
CA LEU C 176 4.56 -2.14 4.25
C LEU C 176 5.15 -3.53 4.07
N THR C 177 6.46 -3.65 4.27
CA THR C 177 7.17 -4.92 4.18
C THR C 177 7.92 -5.27 5.46
N SER C 178 8.35 -4.28 6.23
CA SER C 178 9.09 -4.56 7.45
C SER C 178 8.14 -5.18 8.45
N GLY C 179 8.55 -6.30 9.05
CA GLY C 179 7.73 -7.00 10.00
C GLY C 179 6.68 -7.93 9.43
N VAL C 180 6.64 -8.11 8.10
CA VAL C 180 5.63 -8.99 7.48
C VAL C 180 6.16 -10.41 7.46
N HIS C 181 5.31 -11.36 7.85
CA HIS C 181 5.56 -12.78 7.64
C HIS C 181 4.36 -13.40 6.95
N THR C 182 4.54 -13.88 5.73
CA THR C 182 3.47 -14.59 5.04
C THR C 182 3.82 -16.08 5.04
N PHE C 183 2.99 -16.88 5.69
CA PHE C 183 3.33 -18.27 5.94
C PHE C 183 3.07 -19.15 4.74
N PRO C 184 3.77 -20.28 4.64
CA PRO C 184 3.41 -21.28 3.63
C PRO C 184 1.99 -21.79 3.85
N ALA C 185 1.27 -21.95 2.74
CA ALA C 185 -0.10 -22.44 2.80
C ALA C 185 -0.13 -23.88 3.34
N VAL C 186 -1.24 -24.25 3.95
CA VAL C 186 -1.46 -25.63 4.37
C VAL C 186 -2.65 -26.19 3.62
N LEU C 187 -2.58 -27.47 3.30
CA LEU C 187 -3.65 -28.19 2.61
C LEU C 187 -4.57 -28.77 3.68
N GLN C 188 -5.79 -28.25 3.76
CA GLN C 188 -6.74 -28.67 4.77
C GLN C 188 -7.42 -29.98 4.37
N SER C 189 -8.02 -30.65 5.36
CA SER C 189 -8.61 -31.95 5.10
C SER C 189 -9.76 -31.87 4.11
N SER C 190 -10.34 -30.68 3.93
CA SER C 190 -11.33 -30.41 2.90
C SER C 190 -10.74 -30.44 1.49
N GLY C 191 -9.42 -30.46 1.35
CA GLY C 191 -8.80 -30.32 0.06
C GLY C 191 -8.63 -28.89 -0.40
N LEU C 192 -9.01 -27.92 0.41
CA LEU C 192 -8.74 -26.51 0.16
C LEU C 192 -7.53 -26.03 0.96
N TYR C 193 -6.83 -25.05 0.41
CA TYR C 193 -5.65 -24.49 1.08
C TYR C 193 -6.06 -23.38 2.03
N SER C 194 -5.17 -23.12 2.98
CA SER C 194 -5.30 -22.00 3.91
C SER C 194 -3.92 -21.39 4.14
N LEU C 195 -3.89 -20.06 4.30
CA LEU C 195 -2.66 -19.32 4.44
C LEU C 195 -2.89 -18.14 5.38
N SER C 196 -1.92 -17.85 6.24
CA SER C 196 -1.96 -16.67 7.08
C SER C 196 -0.80 -15.76 6.75
N SER C 197 -1.04 -14.45 6.84
CA SER C 197 0.00 -13.44 6.74
C SER C 197 -0.16 -12.53 7.96
N VAL C 198 0.95 -12.16 8.58
CA VAL C 198 0.92 -11.33 9.78
C VAL C 198 1.96 -10.24 9.64
N VAL C 199 1.82 -9.21 10.48
CA VAL C 199 2.81 -8.14 10.57
C VAL C 199 2.84 -7.67 12.01
N THR C 200 4.04 -7.37 12.51
CA THR C 200 4.17 -6.75 13.82
C THR C 200 4.40 -5.25 13.63
N VAL C 201 3.72 -4.46 14.45
CA VAL C 201 3.80 -3.00 14.38
C VAL C 201 3.85 -2.45 15.79
N PRO C 202 4.32 -1.22 15.96
CA PRO C 202 4.19 -0.57 17.27
C PRO C 202 2.73 -0.40 17.63
N SER C 203 2.39 -0.74 18.88
CA SER C 203 0.98 -0.66 19.28
C SER C 203 0.41 0.74 19.14
N SER C 204 1.26 1.78 19.31
CA SER C 204 0.83 3.16 19.12
C SER C 204 0.13 3.36 17.78
N SER C 205 0.73 2.84 16.71
CA SER C 205 0.17 3.00 15.36
C SER C 205 -1.23 2.44 15.23
N LEU C 206 -1.70 1.66 16.21
CA LEU C 206 -2.99 0.99 16.05
C LEU C 206 -4.13 2.00 15.92
N GLY C 207 -4.02 3.15 16.57
CA GLY C 207 -5.03 4.18 16.41
C GLY C 207 -4.71 5.15 15.29
N THR C 208 -3.44 5.19 14.90
CA THR C 208 -2.88 6.18 13.96
C THR C 208 -2.78 5.68 12.52
N GLN C 209 -2.41 4.41 12.32
CA GLN C 209 -1.97 3.94 11.01
C GLN C 209 -2.93 2.89 10.47
N THR C 210 -3.31 3.04 9.20
CA THR C 210 -4.21 2.09 8.57
C THR C 210 -3.44 0.88 8.03
N TYR C 211 -4.02 -0.31 8.20
CA TYR C 211 -3.38 -1.56 7.78
C TYR C 211 -4.36 -2.40 6.97
N ILE C 212 -3.97 -2.72 5.74
CA ILE C 212 -4.83 -3.45 4.81
C ILE C 212 -4.00 -4.52 4.12
N CYS C 213 -4.49 -5.75 4.12
N CYS C 213 -4.52 -5.75 4.05
CA CYS C 213 -3.85 -6.83 3.40
CA CYS C 213 -3.83 -6.87 3.43
C CYS C 213 -4.50 -6.96 2.03
C CYS C 213 -4.48 -7.18 2.07
N ASN C 214 -3.69 -7.12 1.00
CA ASN C 214 -4.16 -7.25 -0.37
C ASN C 214 -3.91 -8.68 -0.84
N VAL C 215 -4.98 -9.41 -1.11
CA VAL C 215 -4.90 -10.82 -1.46
C VAL C 215 -5.31 -10.97 -2.91
N ASN C 216 -4.54 -11.74 -3.67
CA ASN C 216 -4.83 -11.97 -5.08
C ASN C 216 -4.68 -13.46 -5.39
N HIS C 217 -5.75 -14.06 -5.90
CA HIS C 217 -5.77 -15.47 -6.27
C HIS C 217 -6.02 -15.53 -7.76
N LYS C 218 -4.93 -15.68 -8.54
CA LYS C 218 -5.04 -15.66 -9.99
C LYS C 218 -5.99 -16.73 -10.52
N PRO C 219 -5.88 -18.00 -10.11
CA PRO C 219 -6.70 -19.05 -10.73
C PRO C 219 -8.19 -18.79 -10.68
N SER C 220 -8.68 -18.02 -9.70
CA SER C 220 -10.10 -17.67 -9.65
C SER C 220 -10.34 -16.21 -9.95
N ASN C 221 -9.31 -15.48 -10.38
CA ASN C 221 -9.44 -14.05 -10.70
C ASN C 221 -10.04 -13.28 -9.53
N THR C 222 -9.61 -13.60 -8.31
CA THR C 222 -10.12 -12.95 -7.11
C THR C 222 -9.08 -12.01 -6.52
N LYS C 223 -9.47 -10.77 -6.27
CA LYS C 223 -8.68 -9.82 -5.47
C LYS C 223 -9.54 -9.37 -4.30
N VAL C 224 -8.96 -9.41 -3.10
CA VAL C 224 -9.63 -8.95 -1.89
C VAL C 224 -8.67 -8.03 -1.15
N ASP C 225 -9.22 -6.97 -0.56
CA ASP C 225 -8.50 -6.07 0.31
C ASP C 225 -9.25 -6.04 1.64
N LYS C 226 -8.60 -6.50 2.71
CA LYS C 226 -9.22 -6.56 4.02
C LYS C 226 -8.48 -5.61 4.95
N ARG C 227 -9.21 -4.62 5.45
CA ARG C 227 -8.64 -3.69 6.42
C ARG C 227 -8.70 -4.34 7.80
N VAL C 228 -7.61 -4.23 8.56
CA VAL C 228 -7.49 -4.91 9.85
C VAL C 228 -7.37 -3.87 10.93
N GLU C 229 -8.33 -3.83 11.84
CA GLU C 229 -8.36 -2.83 12.90
C GLU C 229 -8.76 -3.49 14.21
N PRO C 230 -8.37 -2.90 15.33
CA PRO C 230 -8.81 -3.44 16.63
C PRO C 230 -10.33 -3.44 16.71
N LYS C 231 -10.87 -4.46 17.38
CA LYS C 231 -12.32 -4.62 17.49
C LYS C 231 -12.96 -3.48 18.29
N GLU D 1 -14.26 22.16 24.39
CA GLU D 1 -15.41 21.73 25.17
C GLU D 1 -16.72 22.12 24.51
N VAL D 2 -16.80 23.34 23.96
CA VAL D 2 -17.90 23.62 23.04
C VAL D 2 -17.60 22.94 21.70
N GLN D 3 -18.56 22.19 21.20
CA GLN D 3 -18.41 21.48 19.95
C GLN D 3 -19.64 21.72 19.07
N LEU D 4 -19.39 21.97 17.80
CA LEU D 4 -20.42 22.06 16.78
C LEU D 4 -20.03 21.11 15.65
N VAL D 5 -20.86 20.11 15.39
CA VAL D 5 -20.52 19.08 14.41
C VAL D 5 -21.57 19.07 13.33
N GLU D 6 -21.17 19.37 12.10
CA GLU D 6 -22.14 19.43 11.02
C GLU D 6 -22.16 18.15 10.20
N SER D 7 -23.29 17.94 9.55
CA SER D 7 -23.48 16.81 8.64
C SER D 7 -24.57 17.19 7.65
N GLY D 8 -24.80 16.30 6.68
CA GLY D 8 -25.87 16.47 5.73
C GLY D 8 -25.47 17.08 4.41
N GLY D 9 -24.25 17.57 4.29
CA GLY D 9 -23.77 18.03 3.00
C GLY D 9 -23.79 16.92 1.97
N GLY D 10 -23.69 17.30 0.71
CA GLY D 10 -23.65 16.31 -0.34
C GLY D 10 -23.70 16.99 -1.69
N VAL D 11 -24.19 16.27 -2.68
CA VAL D 11 -24.22 16.75 -4.06
C VAL D 11 -25.59 16.46 -4.64
N VAL D 12 -26.12 17.44 -5.39
CA VAL D 12 -27.43 17.34 -6.02
C VAL D 12 -27.39 17.99 -7.39
N GLN D 13 -28.37 17.64 -8.22
CA GLN D 13 -28.60 18.36 -9.45
C GLN D 13 -29.23 19.72 -9.15
N PRO D 14 -29.04 20.70 -10.02
CA PRO D 14 -29.75 21.97 -9.83
C PRO D 14 -31.23 21.73 -9.64
N GLY D 15 -31.81 22.42 -8.66
CA GLY D 15 -33.18 22.19 -8.27
C GLY D 15 -33.35 21.24 -7.10
N GLY D 16 -32.30 20.53 -6.71
CA GLY D 16 -32.38 19.56 -5.65
C GLY D 16 -32.43 20.18 -4.27
N SER D 17 -32.37 19.30 -3.26
CA SER D 17 -32.61 19.61 -1.86
C SER D 17 -31.57 18.91 -0.99
N LEU D 18 -31.17 19.58 0.08
CA LEU D 18 -30.34 18.99 1.11
C LEU D 18 -30.83 19.49 2.46
N ARG D 19 -30.50 18.75 3.51
CA ARG D 19 -30.79 19.19 4.87
C ARG D 19 -29.50 19.15 5.67
N LEU D 20 -28.96 20.32 6.00
CA LEU D 20 -27.79 20.41 6.84
C LEU D 20 -28.18 20.30 8.31
N SER D 21 -27.28 19.75 9.12
CA SER D 21 -27.47 19.62 10.55
C SER D 21 -26.26 20.19 11.27
N CYS D 22 -26.51 20.77 12.44
CA CYS D 22 -25.44 21.26 13.31
C CYS D 22 -25.73 20.75 14.71
N ALA D 23 -24.95 19.77 15.18
CA ALA D 23 -25.20 19.11 16.46
C ALA D 23 -24.27 19.70 17.52
N ALA D 24 -24.86 20.30 18.55
CA ALA D 24 -24.12 21.04 19.56
C ALA D 24 -23.91 20.18 20.81
N SER D 25 -22.78 20.40 21.48
CA SER D 25 -22.57 19.84 22.81
C SER D 25 -21.67 20.78 23.60
N GLY D 26 -21.68 20.61 24.92
CA GLY D 26 -20.77 21.35 25.79
C GLY D 26 -21.19 22.76 26.13
N PHE D 27 -22.47 23.11 25.93
CA PHE D 27 -22.98 24.40 26.37
C PHE D 27 -24.49 24.29 26.38
N ASN D 28 -25.13 25.35 26.88
CA ASN D 28 -26.59 25.37 26.95
C ASN D 28 -27.11 25.92 25.62
N PHE D 29 -27.30 25.00 24.67
CA PHE D 29 -27.83 25.30 23.33
C PHE D 29 -28.92 26.36 23.35
N ASN D 30 -29.90 26.21 24.23
CA ASN D 30 -31.09 27.06 24.16
C ASN D 30 -30.84 28.50 24.58
N ASN D 31 -29.60 28.86 24.91
CA ASN D 31 -29.30 30.22 25.32
C ASN D 31 -28.64 31.06 24.22
N TYR D 32 -28.52 30.54 22.99
CA TYR D 32 -27.72 31.18 21.96
C TYR D 32 -28.44 31.26 20.63
N ALA D 33 -28.35 32.40 19.97
CA ALA D 33 -28.66 32.44 18.55
C ALA D 33 -27.58 31.68 17.80
N LEU D 34 -27.97 31.08 16.69
CA LEU D 34 -27.04 30.34 15.84
C LEU D 34 -27.24 30.76 14.38
N HIS D 35 -26.17 30.62 13.60
CA HIS D 35 -26.13 31.08 12.23
C HIS D 35 -25.56 30.01 11.31
N TRP D 36 -25.89 30.13 10.04
CA TRP D 36 -25.16 29.45 8.98
C TRP D 36 -24.42 30.48 8.15
N VAL D 37 -23.19 30.14 7.81
CA VAL D 37 -22.32 30.99 7.01
C VAL D 37 -21.69 30.10 5.95
N ARG D 38 -21.58 30.59 4.73
CA ARG D 38 -21.05 29.75 3.67
C ARG D 38 -19.88 30.43 2.98
N GLN D 39 -19.04 29.61 2.34
CA GLN D 39 -17.98 30.11 1.48
C GLN D 39 -18.04 29.38 0.15
N ALA D 40 -18.32 30.12 -0.91
CA ALA D 40 -18.25 29.58 -2.24
C ALA D 40 -16.81 29.60 -2.74
N PRO D 41 -16.50 28.81 -3.77
CA PRO D 41 -15.12 28.74 -4.26
C PRO D 41 -14.59 30.13 -4.62
N GLY D 42 -13.42 30.46 -4.09
CA GLY D 42 -12.80 31.73 -4.42
C GLY D 42 -13.48 32.96 -3.86
N LYS D 43 -14.53 32.82 -3.06
CA LYS D 43 -15.20 33.95 -2.45
C LYS D 43 -14.91 33.98 -0.95
N GLY D 44 -15.34 35.08 -0.32
CA GLY D 44 -15.26 35.21 1.12
C GLY D 44 -16.47 34.59 1.82
N LEU D 45 -16.49 34.76 3.13
CA LEU D 45 -17.61 34.28 3.92
C LEU D 45 -18.87 35.08 3.64
N GLU D 46 -19.99 34.39 3.51
CA GLU D 46 -21.29 35.02 3.31
C GLU D 46 -22.28 34.51 4.35
N TRP D 47 -22.91 35.43 5.06
CA TRP D 47 -23.96 35.07 6.00
C TRP D 47 -25.13 34.46 5.24
N VAL D 48 -25.66 33.37 5.77
CA VAL D 48 -26.77 32.63 5.15
C VAL D 48 -28.06 32.77 5.94
N ALA D 49 -28.03 32.51 7.25
CA ALA D 49 -29.26 32.58 8.04
C ALA D 49 -28.95 32.65 9.53
N ILE D 50 -29.95 33.11 10.31
CA ILE D 50 -29.91 33.12 11.76
C ILE D 50 -31.22 32.57 12.31
N ILE D 51 -31.15 31.89 13.46
CA ILE D 51 -32.32 31.48 14.21
C ILE D 51 -32.09 31.84 15.67
N SER D 52 -33.10 32.45 16.31
CA SER D 52 -32.95 32.94 17.68
C SER D 52 -32.97 31.78 18.67
N TYR D 53 -32.57 32.08 19.90
CA TYR D 53 -32.31 31.05 20.91
C TYR D 53 -33.57 30.25 21.25
N GLU D 54 -34.76 30.85 21.15
CA GLU D 54 -35.99 30.12 21.43
C GLU D 54 -36.77 29.77 20.16
N ALA D 55 -36.19 30.00 18.98
CA ALA D 55 -36.74 29.65 17.69
C ALA D 55 -37.86 30.60 17.25
N ARG D 56 -38.17 31.65 18.02
CA ARG D 56 -39.28 32.53 17.66
C ARG D 56 -38.96 33.39 16.43
N ASN D 57 -37.68 33.67 16.17
CA ASN D 57 -37.29 34.57 15.10
C ASN D 57 -36.26 33.91 14.18
N LYS D 58 -36.33 34.24 12.90
CA LYS D 58 -35.45 33.69 11.88
C LYS D 58 -35.24 34.79 10.86
N LYS D 59 -34.09 34.77 10.18
CA LYS D 59 -33.86 35.70 9.07
C LYS D 59 -32.85 35.08 8.12
N TYR D 60 -32.92 35.48 6.86
CA TYR D 60 -32.19 34.84 5.78
C TYR D 60 -31.45 35.88 4.96
N GLY D 61 -30.30 35.48 4.42
CA GLY D 61 -29.61 36.29 3.43
C GLY D 61 -30.46 36.48 2.18
N VAL D 62 -30.19 37.57 1.46
CA VAL D 62 -31.04 37.96 0.33
C VAL D 62 -31.08 36.88 -0.73
N SER D 63 -29.92 36.26 -1.01
CA SER D 63 -29.86 35.31 -2.13
C SER D 63 -30.52 33.96 -1.83
N VAL D 64 -30.90 33.69 -0.58
CA VAL D 64 -31.48 32.41 -0.22
C VAL D 64 -32.90 32.52 0.28
N MET D 65 -33.49 33.71 0.26
CA MET D 65 -34.81 33.87 0.87
C MET D 65 -35.87 33.19 0.02
N GLY D 66 -36.82 32.55 0.68
CA GLY D 66 -37.80 31.71 0.03
C GLY D 66 -37.37 30.27 -0.06
N ARG D 67 -36.09 30.01 -0.32
CA ARG D 67 -35.67 28.65 -0.67
C ARG D 67 -35.15 27.83 0.51
N PHE D 68 -34.58 28.47 1.55
CA PHE D 68 -34.03 27.77 2.69
C PHE D 68 -34.92 27.95 3.92
N SER D 69 -34.88 26.96 4.81
CA SER D 69 -35.67 27.01 6.04
C SER D 69 -34.78 26.57 7.19
N ILE D 70 -34.56 27.47 8.15
CA ILE D 70 -33.74 27.19 9.32
C ILE D 70 -34.64 26.82 10.47
N SER D 71 -34.22 25.87 11.28
CA SER D 71 -35.01 25.45 12.43
C SER D 71 -34.06 24.89 13.47
N ARG D 72 -34.60 24.63 14.66
CA ARG D 72 -33.76 24.06 15.72
C ARG D 72 -34.64 23.23 16.63
N ASP D 73 -34.01 22.24 17.26
CA ASP D 73 -34.64 21.35 18.23
C ASP D 73 -33.89 21.54 19.55
N ASN D 74 -34.48 22.30 20.48
CA ASN D 74 -33.73 22.64 21.68
C ASN D 74 -33.60 21.48 22.64
N SER D 75 -34.52 20.51 22.59
CA SER D 75 -34.38 19.33 23.45
C SER D 75 -33.22 18.44 22.98
N LYS D 76 -32.90 18.46 21.69
CA LYS D 76 -31.81 17.65 21.15
C LYS D 76 -30.53 18.44 20.89
N SER D 77 -30.54 19.76 21.06
CA SER D 77 -29.37 20.59 20.82
C SER D 77 -28.86 20.41 19.39
N ILE D 78 -29.78 20.54 18.42
CA ILE D 78 -29.46 20.41 17.01
C ILE D 78 -30.16 21.52 16.24
N MET D 79 -29.42 22.14 15.32
CA MET D 79 -29.94 23.11 14.38
C MET D 79 -29.91 22.51 12.97
N TYR D 80 -30.89 22.90 12.15
CA TYR D 80 -31.05 22.38 10.80
C TYR D 80 -31.20 23.50 9.79
N LEU D 81 -30.75 23.24 8.56
CA LEU D 81 -30.95 24.12 7.42
C LEU D 81 -31.48 23.29 6.26
N GLU D 82 -32.77 23.41 5.99
CA GLU D 82 -33.38 22.76 4.84
C GLU D 82 -33.17 23.67 3.63
N MET D 83 -32.51 23.15 2.59
CA MET D 83 -32.17 23.90 1.39
C MET D 83 -32.91 23.29 0.19
N ASN D 84 -33.85 24.04 -0.37
CA ASN D 84 -34.63 23.60 -1.52
C ASN D 84 -34.24 24.41 -2.75
N SER D 85 -34.66 23.94 -3.92
CA SER D 85 -34.42 24.65 -5.17
C SER D 85 -32.98 25.13 -5.23
N LEU D 86 -32.04 24.20 -5.03
CA LEU D 86 -30.63 24.57 -5.00
C LEU D 86 -30.15 24.99 -6.38
N ARG D 87 -29.20 25.91 -6.39
CA ARG D 87 -28.62 26.46 -7.61
C ARG D 87 -27.12 26.25 -7.61
N VAL D 88 -26.54 26.29 -8.81
CA VAL D 88 -25.10 26.03 -8.93
C VAL D 88 -24.33 26.98 -8.03
N GLU D 89 -24.76 28.24 -7.93
CA GLU D 89 -24.03 29.20 -7.13
C GLU D 89 -24.25 29.01 -5.62
N ASP D 90 -25.08 28.04 -5.20
CA ASP D 90 -25.13 27.68 -3.79
C ASP D 90 -23.98 26.76 -3.38
N THR D 91 -23.19 26.31 -4.35
CA THR D 91 -22.05 25.46 -4.04
C THR D 91 -21.11 26.16 -3.07
N GLY D 92 -20.58 25.40 -2.12
CA GLY D 92 -19.64 25.95 -1.17
C GLY D 92 -19.63 25.15 0.12
N VAL D 93 -18.80 25.63 1.04
CA VAL D 93 -18.70 25.04 2.37
C VAL D 93 -19.63 25.82 3.29
N TYR D 94 -20.50 25.10 3.99
CA TYR D 94 -21.46 25.70 4.91
C TYR D 94 -21.03 25.47 6.34
N TYR D 95 -20.93 26.55 7.11
CA TYR D 95 -20.53 26.48 8.51
C TYR D 95 -21.70 26.89 9.40
N CYS D 96 -21.84 26.25 10.55
CA CYS D 96 -22.69 26.81 11.59
C CYS D 96 -21.79 27.51 12.62
N ALA D 97 -22.39 28.45 13.35
CA ALA D 97 -21.65 29.28 14.30
C ALA D 97 -22.53 29.63 15.50
N ARG D 98 -21.93 29.65 16.68
CA ARG D 98 -22.61 30.14 17.88
C ARG D 98 -22.42 31.65 17.98
N ASP D 99 -23.53 32.37 18.12
CA ASP D 99 -23.52 33.83 18.24
C ASP D 99 -23.57 34.21 19.72
N LEU D 100 -22.67 35.09 20.16
CA LEU D 100 -22.68 35.56 21.55
C LEU D 100 -23.68 36.68 21.80
N PHE D 101 -24.20 37.32 20.76
CA PHE D 101 -25.07 38.48 20.91
C PHE D 101 -26.24 38.19 21.85
N LEU D 102 -26.38 38.99 22.90
CA LEU D 102 -27.48 38.97 23.85
C LEU D 102 -27.49 37.74 24.74
N SER D 103 -26.53 36.82 24.61
CA SER D 103 -26.59 35.60 25.38
C SER D 103 -26.41 35.86 26.87
N ASP D 104 -25.83 37.00 27.23
CA ASP D 104 -25.60 37.38 28.61
C ASP D 104 -26.65 38.34 29.16
N TYR D 105 -27.76 38.54 28.45
CA TYR D 105 -28.72 39.53 28.92
C TYR D 105 -29.09 39.31 30.37
N ASP D 106 -29.37 38.07 30.76
CA ASP D 106 -29.89 37.82 32.11
C ASP D 106 -28.96 38.33 33.18
N ARG D 107 -27.64 38.24 32.95
CA ARG D 107 -26.65 38.65 33.94
C ARG D 107 -26.30 40.13 33.83
N SER D 108 -26.23 40.68 32.62
CA SER D 108 -25.65 42.01 32.44
C SER D 108 -26.50 42.97 31.63
N GLY D 109 -27.71 42.61 31.22
CA GLY D 109 -28.52 43.53 30.46
C GLY D 109 -28.10 43.62 29.00
N TYR D 110 -28.74 44.56 28.31
CA TYR D 110 -28.57 44.71 26.88
C TYR D 110 -27.34 45.56 26.58
N ASP D 111 -26.36 44.96 25.92
CA ASP D 111 -25.10 45.62 25.55
C ASP D 111 -24.80 45.27 24.10
N PRO D 112 -25.11 46.17 23.15
CA PRO D 112 -25.01 45.80 21.74
C PRO D 112 -23.59 45.77 21.17
N THR D 113 -22.58 46.14 21.97
CA THR D 113 -21.21 45.95 21.53
C THR D 113 -20.73 44.52 21.76
N ARG D 114 -21.40 43.75 22.63
CA ARG D 114 -21.02 42.36 22.88
C ARG D 114 -21.61 41.45 21.80
N GLY D 115 -20.77 40.66 21.18
CA GLY D 115 -21.20 39.83 20.06
C GLY D 115 -20.00 39.06 19.52
N GLY D 116 -20.12 38.62 18.28
CA GLY D 116 -19.13 37.77 17.66
C GLY D 116 -19.54 36.31 17.65
N PHE D 117 -19.07 35.58 16.64
CA PHE D 117 -19.36 34.14 16.49
C PHE D 117 -18.19 33.39 17.10
N ASP D 118 -18.34 32.95 18.35
CA ASP D 118 -17.16 32.51 19.08
C ASP D 118 -16.81 31.05 18.84
N HIS D 119 -17.72 30.25 18.27
CA HIS D 119 -17.42 28.86 17.96
C HIS D 119 -18.08 28.49 16.65
N TRP D 120 -17.34 27.75 15.81
CA TRP D 120 -17.76 27.39 14.47
C TRP D 120 -17.67 25.88 14.30
N GLY D 121 -18.63 25.30 13.58
CA GLY D 121 -18.51 23.92 13.13
C GLY D 121 -17.35 23.77 12.15
N GLN D 122 -17.11 22.51 11.78
CA GLN D 122 -16.01 22.17 10.87
C GLN D 122 -16.34 22.45 9.41
N GLY D 123 -17.60 22.72 9.09
CA GLY D 123 -17.98 22.96 7.70
C GLY D 123 -18.42 21.69 6.99
N THR D 124 -19.43 21.79 6.14
CA THR D 124 -19.89 20.65 5.35
C THR D 124 -20.03 21.10 3.90
N LEU D 125 -19.60 20.24 2.98
CA LEU D 125 -19.53 20.64 1.59
C LEU D 125 -20.87 20.43 0.88
N VAL D 126 -21.30 21.45 0.15
CA VAL D 126 -22.49 21.38 -0.69
C VAL D 126 -22.05 21.59 -2.15
N THR D 127 -22.38 20.64 -3.02
CA THR D 127 -22.09 20.79 -4.44
C THR D 127 -23.40 20.72 -5.21
N VAL D 128 -23.63 21.70 -6.09
CA VAL D 128 -24.79 21.73 -6.96
C VAL D 128 -24.27 21.77 -8.38
N SER D 129 -24.65 20.77 -9.20
CA SER D 129 -24.07 20.65 -10.52
C SER D 129 -24.89 19.69 -11.38
N SER D 130 -24.82 19.90 -12.69
CA SER D 130 -25.45 19.00 -13.65
C SER D 130 -24.60 17.76 -13.93
N ALA D 131 -23.34 17.75 -13.48
CA ALA D 131 -22.46 16.62 -13.71
C ALA D 131 -22.89 15.42 -12.87
N SER D 132 -22.52 14.23 -13.34
CA SER D 132 -22.80 13.00 -12.62
C SER D 132 -21.61 12.62 -11.76
N THR D 133 -21.90 12.16 -10.55
CA THR D 133 -20.86 11.61 -9.68
C THR D 133 -20.06 10.58 -10.44
N LYS D 134 -18.73 10.68 -10.35
CA LYS D 134 -17.82 9.80 -11.08
C LYS D 134 -16.51 9.69 -10.32
N GLY D 135 -16.01 8.47 -10.17
CA GLY D 135 -14.72 8.25 -9.56
C GLY D 135 -13.58 8.66 -10.48
N PRO D 136 -12.44 8.99 -9.89
CA PRO D 136 -11.30 9.46 -10.68
C PRO D 136 -10.59 8.34 -11.42
N SER D 137 -9.89 8.74 -12.48
CA SER D 137 -8.83 7.95 -13.07
C SER D 137 -7.52 8.41 -12.44
N VAL D 138 -6.68 7.47 -12.01
CA VAL D 138 -5.41 7.81 -11.37
C VAL D 138 -4.27 7.34 -12.26
N PHE D 139 -3.41 8.28 -12.65
CA PHE D 139 -2.29 7.94 -13.49
C PHE D 139 -0.98 8.26 -12.77
N PRO D 140 0.04 7.40 -12.94
CA PRO D 140 1.33 7.68 -12.32
C PRO D 140 1.99 8.89 -12.96
N LEU D 141 2.69 9.66 -12.12
CA LEU D 141 3.64 10.66 -12.56
C LEU D 141 5.02 10.08 -12.21
N ALA D 142 5.63 9.45 -13.19
CA ALA D 142 6.75 8.59 -12.87
C ALA D 142 8.04 9.41 -12.78
N PRO D 143 8.92 9.09 -11.82
CA PRO D 143 10.18 9.82 -11.70
C PRO D 143 11.01 9.66 -12.97
N SER D 144 11.48 10.79 -13.49
CA SER D 144 12.44 10.73 -14.60
C SER D 144 13.70 10.02 -14.13
N SER D 145 14.13 9.02 -14.90
CA SER D 145 15.36 8.29 -14.58
C SER D 145 16.54 8.94 -15.30
N LYS D 146 16.90 10.12 -14.81
CA LYS D 146 18.03 10.89 -15.34
C LYS D 146 18.94 11.35 -14.22
N THR D 148 22.09 10.96 -11.27
CA THR D 148 21.56 10.59 -9.97
C THR D 148 20.57 11.66 -9.47
N SER D 149 20.01 12.43 -10.41
CA SER D 149 18.96 13.42 -10.15
C SER D 149 19.27 14.33 -8.96
N GLY D 150 20.54 14.49 -8.61
CA GLY D 150 20.91 15.38 -7.52
C GLY D 150 20.40 14.96 -6.16
N GLY D 151 20.13 13.66 -5.96
CA GLY D 151 19.69 13.15 -4.69
C GLY D 151 18.19 13.17 -4.44
N THR D 152 17.45 14.04 -5.12
CA THR D 152 16.02 14.18 -4.90
C THR D 152 15.26 13.91 -6.19
N ALA D 153 14.25 13.03 -6.10
CA ALA D 153 13.40 12.71 -7.24
C ALA D 153 11.95 13.02 -6.91
N ALA D 154 11.24 13.58 -7.88
CA ALA D 154 9.83 13.87 -7.72
C ALA D 154 9.01 12.79 -8.40
N LEU D 155 8.00 12.29 -7.70
CA LEU D 155 7.03 11.38 -8.29
C LEU D 155 5.65 11.86 -7.87
N GLY D 156 4.61 11.28 -8.48
CA GLY D 156 3.27 11.65 -8.08
C GLY D 156 2.23 10.89 -8.85
N CYS D 157 1.00 11.32 -8.65
N CYS D 157 0.98 11.31 -8.65
CA CYS D 157 -0.15 10.75 -9.34
CA CYS D 157 -0.14 10.72 -9.35
C CYS D 157 -1.01 11.88 -9.86
C CYS D 157 -1.08 11.83 -9.81
N LEU D 158 -1.70 11.61 -10.95
CA LEU D 158 -2.63 12.55 -11.53
C LEU D 158 -4.01 11.95 -11.27
N VAL D 159 -4.83 12.69 -10.52
CA VAL D 159 -6.19 12.26 -10.18
C VAL D 159 -7.13 13.01 -11.12
N LYS D 160 -7.66 12.32 -12.11
CA LYS D 160 -8.30 12.97 -13.23
C LYS D 160 -9.76 12.58 -13.34
N ASP D 161 -10.60 13.58 -13.61
CA ASP D 161 -11.96 13.35 -14.14
C ASP D 161 -12.88 12.77 -13.07
N TYR D 162 -12.97 13.44 -11.93
CA TYR D 162 -13.87 12.98 -10.88
C TYR D 162 -14.87 14.07 -10.52
N PHE D 163 -15.96 13.63 -9.87
CA PHE D 163 -17.01 14.52 -9.42
C PHE D 163 -17.82 13.83 -8.34
N PRO D 164 -18.19 14.53 -7.26
CA PRO D 164 -17.82 15.90 -6.88
C PRO D 164 -16.51 15.88 -6.10
N GLU D 165 -16.06 17.03 -5.61
CA GLU D 165 -15.05 17.05 -4.57
C GLU D 165 -15.61 16.37 -3.32
N PRO D 166 -14.75 15.91 -2.42
CA PRO D 166 -13.29 15.91 -2.45
C PRO D 166 -12.74 14.52 -2.71
N VAL D 167 -11.48 14.45 -3.12
CA VAL D 167 -10.70 13.22 -3.06
C VAL D 167 -9.65 13.40 -1.98
N THR D 168 -9.31 12.29 -1.32
CA THR D 168 -8.22 12.27 -0.37
C THR D 168 -7.08 11.50 -1.01
N VAL D 169 -5.87 12.04 -0.90
CA VAL D 169 -4.69 11.38 -1.44
C VAL D 169 -3.70 11.23 -0.30
N SER D 170 -3.36 10.00 0.03
CA SER D 170 -2.23 9.76 0.90
C SER D 170 -1.18 8.99 0.11
N TRP D 171 0.00 8.83 0.71
CA TRP D 171 1.09 8.09 0.09
C TRP D 171 1.50 6.97 1.04
N ASN D 172 1.68 5.78 0.51
CA ASN D 172 2.03 4.62 1.33
C ASN D 172 1.08 4.50 2.53
N SER D 173 -0.22 4.60 2.23
CA SER D 173 -1.29 4.49 3.23
C SER D 173 -1.09 5.46 4.39
N GLY D 174 -0.36 6.55 4.17
CA GLY D 174 -0.16 7.57 5.18
C GLY D 174 1.19 7.55 5.85
N ALA D 175 1.99 6.50 5.62
CA ALA D 175 3.32 6.42 6.20
C ALA D 175 4.30 7.39 5.56
N LEU D 176 3.98 7.95 4.41
CA LEU D 176 4.82 8.93 3.73
C LEU D 176 4.10 10.27 3.76
N THR D 177 4.62 11.22 4.55
CA THR D 177 4.04 12.55 4.62
C THR D 177 5.02 13.67 4.31
N SER D 178 6.31 13.47 4.57
CA SER D 178 7.27 14.56 4.38
C SER D 178 7.48 14.82 2.90
N GLY D 179 7.40 16.10 2.51
CA GLY D 179 7.57 16.43 1.11
C GLY D 179 6.40 16.11 0.22
N VAL D 180 5.23 15.84 0.78
CA VAL D 180 4.03 15.65 -0.02
C VAL D 180 3.41 17.01 -0.35
N HIS D 181 3.06 17.22 -1.60
CA HIS D 181 2.25 18.36 -2.01
C HIS D 181 1.08 17.84 -2.82
N THR D 182 -0.13 18.09 -2.34
CA THR D 182 -1.35 17.74 -3.06
C THR D 182 -2.01 19.05 -3.48
N PHE D 183 -2.07 19.27 -4.77
CA PHE D 183 -2.54 20.54 -5.30
C PHE D 183 -4.06 20.68 -5.22
N PRO D 184 -4.56 21.92 -5.09
CA PRO D 184 -6.01 22.15 -5.14
C PRO D 184 -6.61 21.63 -6.44
N ALA D 185 -7.79 21.02 -6.32
CA ALA D 185 -8.51 20.59 -7.51
C ALA D 185 -8.87 21.78 -8.38
N VAL D 186 -8.77 21.60 -9.69
CA VAL D 186 -9.31 22.56 -10.64
C VAL D 186 -10.52 21.94 -11.31
N LEU D 187 -11.59 22.72 -11.42
CA LEU D 187 -12.78 22.28 -12.13
C LEU D 187 -12.55 22.48 -13.62
N GLN D 188 -12.63 21.40 -14.38
CA GLN D 188 -12.47 21.48 -15.82
C GLN D 188 -13.81 21.84 -16.47
N SER D 189 -13.73 22.23 -17.75
CA SER D 189 -14.95 22.63 -18.46
C SER D 189 -15.91 21.46 -18.62
N SER D 190 -15.43 20.22 -18.52
CA SER D 190 -16.31 19.05 -18.56
C SER D 190 -17.23 18.97 -17.36
N GLY D 191 -17.00 19.78 -16.33
CA GLY D 191 -17.69 19.63 -15.07
C GLY D 191 -17.02 18.66 -14.12
N LEU D 192 -15.86 18.13 -14.48
CA LEU D 192 -15.13 17.19 -13.65
C LEU D 192 -13.88 17.87 -13.10
N TYR D 193 -13.48 17.46 -11.90
CA TYR D 193 -12.30 18.01 -11.27
C TYR D 193 -11.05 17.19 -11.62
N SER D 194 -9.89 17.83 -11.48
CA SER D 194 -8.62 17.13 -11.58
C SER D 194 -7.64 17.76 -10.60
N LEU D 195 -6.72 16.94 -10.13
CA LEU D 195 -5.65 17.43 -9.27
C LEU D 195 -4.48 16.46 -9.38
N SER D 196 -3.31 16.94 -8.97
CA SER D 196 -2.12 16.12 -8.87
C SER D 196 -1.63 16.11 -7.43
N SER D 197 -1.00 15.01 -7.03
CA SER D 197 -0.28 14.94 -5.76
C SER D 197 1.14 14.51 -6.06
N VAL D 198 2.12 15.21 -5.49
CA VAL D 198 3.52 14.88 -5.72
C VAL D 198 4.24 14.68 -4.39
N VAL D 199 5.35 13.96 -4.43
CA VAL D 199 6.21 13.84 -3.27
C VAL D 199 7.66 13.79 -3.78
N THR D 200 8.57 14.32 -2.97
CA THR D 200 9.99 14.27 -3.27
C THR D 200 10.65 13.28 -2.32
N VAL D 201 11.48 12.41 -2.87
CA VAL D 201 12.13 11.34 -2.13
C VAL D 201 13.61 11.34 -2.52
N PRO D 202 14.46 10.77 -1.68
CA PRO D 202 15.86 10.57 -2.10
C PRO D 202 15.88 9.64 -3.31
N SER D 203 16.42 10.14 -4.43
CA SER D 203 16.57 9.27 -5.58
C SER D 203 17.33 8.00 -5.22
N SER D 204 18.11 8.02 -4.14
CA SER D 204 18.83 6.82 -3.70
C SER D 204 17.88 5.66 -3.44
N SER D 205 16.60 5.95 -3.15
CA SER D 205 15.63 4.94 -2.74
C SER D 205 14.72 4.45 -3.87
N LEU D 206 14.76 5.08 -5.03
CA LEU D 206 14.00 4.61 -6.18
C LEU D 206 14.42 3.18 -6.54
N GLY D 207 13.43 2.31 -6.75
CA GLY D 207 13.71 0.91 -6.95
C GLY D 207 13.99 0.13 -5.69
N THR D 208 14.09 0.79 -4.53
CA THR D 208 14.20 0.11 -3.24
C THR D 208 12.91 0.22 -2.45
N GLN D 209 12.49 1.45 -2.12
CA GLN D 209 11.20 1.69 -1.48
C GLN D 209 10.12 1.73 -2.56
N THR D 210 9.01 1.04 -2.33
CA THR D 210 7.89 1.11 -3.26
C THR D 210 6.97 2.25 -2.82
N TYR D 211 6.48 3.02 -3.80
CA TYR D 211 5.68 4.20 -3.54
C TYR D 211 4.28 4.02 -4.13
N ILE D 212 3.28 4.21 -3.29
CA ILE D 212 1.89 4.01 -3.64
C ILE D 212 1.13 5.27 -3.26
N CYS D 213 0.39 5.84 -4.21
N CYS D 213 0.30 5.77 -4.19
CA CYS D 213 -0.55 6.88 -3.87
CA CYS D 213 -0.57 6.91 -3.96
C CYS D 213 -1.92 6.24 -3.72
C CYS D 213 -2.02 6.41 -3.82
N ASN D 214 -2.57 6.54 -2.61
CA ASN D 214 -3.88 6.00 -2.27
C ASN D 214 -4.93 7.10 -2.47
N VAL D 215 -5.82 6.89 -3.41
CA VAL D 215 -6.80 7.90 -3.78
C VAL D 215 -8.16 7.37 -3.36
N ASN D 216 -8.82 8.08 -2.45
CA ASN D 216 -10.14 7.73 -2.00
C ASN D 216 -11.14 8.80 -2.44
N HIS D 217 -12.18 8.38 -3.14
CA HIS D 217 -13.27 9.25 -3.55
C HIS D 217 -14.53 8.73 -2.87
N LYS D 218 -14.73 9.13 -1.62
CA LYS D 218 -15.91 8.67 -0.88
C LYS D 218 -17.21 8.92 -1.65
N PRO D 219 -17.43 10.08 -2.28
CA PRO D 219 -18.70 10.30 -2.99
C PRO D 219 -19.08 9.21 -3.98
N SER D 220 -18.12 8.54 -4.60
CA SER D 220 -18.44 7.44 -5.51
C SER D 220 -18.06 6.09 -4.93
N ASN D 221 -17.67 6.04 -3.66
CA ASN D 221 -17.13 4.81 -3.06
C ASN D 221 -16.09 4.16 -3.98
N THR D 222 -15.14 4.97 -4.45
CA THR D 222 -14.00 4.52 -5.25
C THR D 222 -12.72 4.75 -4.47
N LYS D 223 -11.90 3.70 -4.38
CA LYS D 223 -10.55 3.76 -3.81
C LYS D 223 -9.59 3.22 -4.85
N VAL D 224 -8.47 3.92 -5.06
CA VAL D 224 -7.45 3.50 -6.00
C VAL D 224 -6.09 3.54 -5.32
N ASP D 225 -5.34 2.44 -5.44
CA ASP D 225 -3.96 2.37 -4.99
C ASP D 225 -3.07 2.20 -6.20
N LYS D 226 -2.27 3.22 -6.51
CA LYS D 226 -1.49 3.23 -7.73
C LYS D 226 -0.02 3.24 -7.36
N ARG D 227 0.70 2.20 -7.79
CA ARG D 227 2.13 2.15 -7.55
C ARG D 227 2.83 3.02 -8.57
N VAL D 228 3.78 3.81 -8.11
CA VAL D 228 4.49 4.75 -8.97
C VAL D 228 5.96 4.37 -8.96
N GLU D 229 6.47 3.93 -10.11
CA GLU D 229 7.82 3.44 -10.25
C GLU D 229 8.52 4.17 -11.40
N PRO D 230 9.85 4.18 -11.42
CA PRO D 230 10.56 4.80 -12.54
C PRO D 230 10.28 4.08 -13.86
N LYS D 231 10.21 4.87 -14.93
CA LYS D 231 9.87 4.34 -16.24
C LYS D 231 10.98 3.44 -16.77
N SER D 232 10.61 2.59 -17.73
CA SER D 232 11.59 1.74 -18.42
C SER D 232 10.97 1.14 -19.68
N SER E 2 27.03 -43.83 -31.20
CA SER E 2 27.05 -45.19 -31.77
C SER E 2 27.93 -46.09 -30.90
N LYS E 3 29.22 -45.73 -30.77
CA LYS E 3 29.95 -46.25 -29.63
C LYS E 3 29.35 -45.70 -28.34
N ARG E 4 28.94 -44.43 -28.35
CA ARG E 4 28.28 -43.86 -27.19
C ARG E 4 27.01 -44.64 -26.87
N SER E 5 26.22 -44.95 -27.91
CA SER E 5 24.97 -45.69 -27.71
C SER E 5 25.23 -47.10 -27.20
N PHE E 6 26.27 -47.75 -27.73
CA PHE E 6 26.64 -49.06 -27.23
C PHE E 6 26.98 -49.00 -25.74
N ILE E 7 27.86 -48.07 -25.36
CA ILE E 7 28.20 -47.94 -23.95
C ILE E 7 26.95 -47.72 -23.12
N GLU E 8 26.06 -46.83 -23.59
CA GLU E 8 24.87 -46.53 -22.81
C GLU E 8 23.96 -47.75 -22.69
N ASP E 9 23.82 -48.54 -23.77
CA ASP E 9 23.08 -49.79 -23.67
C ASP E 9 23.65 -50.67 -22.56
N LEU E 10 24.98 -50.71 -22.44
CA LEU E 10 25.61 -51.50 -21.39
C LEU E 10 25.23 -50.98 -20.00
N LEU E 11 25.29 -49.66 -19.82
CA LEU E 11 25.03 -49.08 -18.51
C LEU E 11 23.55 -49.19 -18.13
N PHE E 12 22.64 -48.95 -19.09
CA PHE E 12 21.23 -49.15 -18.82
C PHE E 12 20.89 -50.60 -18.48
N ASN E 13 21.81 -51.53 -18.69
CA ASN E 13 21.56 -52.94 -18.43
C ASN E 13 22.53 -53.50 -17.41
N LYS E 14 23.16 -52.64 -16.63
CA LYS E 14 23.91 -53.05 -15.46
C LYS E 14 25.07 -53.97 -15.83
N VAL E 15 25.61 -53.81 -17.04
CA VAL E 15 26.82 -54.53 -17.42
C VAL E 15 28.01 -53.92 -16.70
N THR E 16 28.86 -54.77 -16.12
CA THR E 16 30.07 -54.32 -15.44
C THR E 16 31.16 -54.02 -16.47
N LEU E 17 31.66 -52.78 -16.48
CA LEU E 17 32.81 -52.41 -17.29
C LEU E 17 34.09 -52.65 -16.51
N ALA E 18 35.18 -52.89 -17.23
CA ALA E 18 36.44 -53.28 -16.60
C ALA E 18 37.22 -52.06 -16.12
N ASP E 19 38.04 -52.27 -15.08
CA ASP E 19 38.93 -51.26 -14.49
C ASP E 19 38.23 -49.91 -14.22
N SER F 2 -40.15 37.09 28.47
CA SER F 2 -38.71 37.31 28.56
C SER F 2 -38.32 38.64 27.92
N LYS F 3 -37.59 39.51 28.65
CA LYS F 3 -37.21 40.78 28.04
C LYS F 3 -36.26 40.57 26.89
N ARG F 4 -35.37 39.56 27.00
CA ARG F 4 -34.46 39.29 25.90
C ARG F 4 -35.22 39.10 24.60
N SER F 5 -36.23 38.23 24.62
CA SER F 5 -37.01 37.99 23.41
C SER F 5 -37.72 39.25 22.97
N PHE F 6 -38.15 40.08 23.93
CA PHE F 6 -38.75 41.35 23.55
C PHE F 6 -37.77 42.18 22.73
N ILE F 7 -36.51 42.28 23.20
CA ILE F 7 -35.52 43.05 22.44
C ILE F 7 -35.35 42.47 21.05
N GLU F 8 -35.22 41.14 20.97
CA GLU F 8 -34.96 40.54 19.67
C GLU F 8 -36.14 40.73 18.73
N ASP F 9 -37.37 40.67 19.25
CA ASP F 9 -38.54 40.98 18.42
C ASP F 9 -38.40 42.35 17.78
N LEU F 10 -37.94 43.35 18.55
CA LEU F 10 -37.74 44.70 17.99
C LEU F 10 -36.66 44.70 16.91
N LEU F 11 -35.54 44.00 17.15
CA LEU F 11 -34.46 44.03 16.18
C LEU F 11 -34.80 43.24 14.92
N PHE F 12 -35.51 42.12 15.06
CA PHE F 12 -35.90 41.39 13.87
C PHE F 12 -36.88 42.19 13.03
N ASN F 13 -37.84 42.85 13.67
CA ASN F 13 -38.86 43.60 12.93
C ASN F 13 -38.56 45.08 12.81
C1 PEG G . 16.04 -30.75 6.04
O1 PEG G . 15.52 -30.80 7.36
C2 PEG G . 15.63 -31.91 5.21
O2 PEG G . 15.79 -31.60 3.82
C3 PEG G . 14.59 -31.78 3.06
C4 PEG G . 14.10 -30.46 2.59
O4 PEG G . 12.79 -30.54 2.04
H11 PEG G . 17.01 -30.73 6.09
H12 PEG G . 15.72 -29.93 5.61
HO1 PEG G . 15.46 -30.04 7.74
H21 PEG G . 14.71 -32.12 5.39
H22 PEG G . 16.19 -32.67 5.42
H31 PEG G . 13.92 -32.21 3.61
H32 PEG G . 14.78 -32.35 2.29
H41 PEG G . 14.70 -30.12 1.90
H42 PEG G . 14.08 -29.84 3.34
HO4 PEG G . 12.69 -31.17 1.48
C1 EDO H . 10.17 -13.27 6.00
O1 EDO H . 9.11 -13.90 6.74
C2 EDO H . 11.33 -14.24 6.06
O2 EDO H . 10.80 -15.54 5.76
H11 EDO H . 10.45 -12.32 6.45
H12 EDO H . 9.87 -13.09 4.97
HO1 EDO H . 8.33 -13.96 6.18
H21 EDO H . 11.79 -14.25 7.05
H22 EDO H . 12.10 -13.97 5.33
HO2 EDO H . 10.71 -16.05 6.57
C1 PEG I . -9.12 37.36 -0.91
O1 PEG I . -8.70 38.70 -1.04
C2 PEG I . -10.08 37.17 0.21
O2 PEG I . -11.01 36.14 -0.13
C3 PEG I . -10.57 34.84 0.21
C4 PEG I . -11.04 33.84 -0.80
O4 PEG I . -10.35 32.61 -0.68
H11 PEG I . -8.34 36.81 -0.75
H12 PEG I . -9.54 37.09 -1.74
HO1 PEG I . -8.87 39.18 -0.35
H21 PEG I . -10.56 38.00 0.37
H22 PEG I . -9.60 36.91 1.01
H31 PEG I . -10.92 34.60 1.09
H32 PEG I . -9.60 34.82 0.24
H41 PEG I . -10.91 34.21 -1.68
H42 PEG I . -12.00 33.68 -0.65
HO4 PEG I . -10.05 32.45 0.10
C1 PEG J . -12.73 28.61 -1.39
O1 PEG J . -11.82 28.78 -2.46
C2 PEG J . -12.89 27.17 -1.01
O2 PEG J . -14.25 26.90 -0.67
C3 PEG J . -14.63 25.55 -0.94
C4 PEG J . -15.67 25.53 -2.01
O4 PEG J . -15.72 24.27 -2.67
H11 PEG J . -13.60 28.95 -1.66
H12 PEG J . -12.42 29.10 -0.63
HO1 PEG J . -11.13 28.28 -2.40
H21 PEG J . -12.33 26.98 -0.25
H22 PEG J . -12.63 26.60 -1.75
H31 PEG J . -14.99 25.15 -0.13
H32 PEG J . -13.86 25.04 -1.23
H41 PEG J . -15.46 26.22 -2.67
H42 PEG J . -16.53 25.71 -1.62
HO4 PEG J . -15.55 23.62 -2.16
P PO4 K . 2.16 21.95 1.63
O1 PO4 K . 3.63 22.31 1.73
O2 PO4 K . 1.92 21.06 0.43
O3 PO4 K . 1.76 21.21 2.89
O4 PO4 K . 1.36 23.23 1.47
P PO4 L . -29.88 32.16 -11.29
O1 PO4 L . -28.51 32.49 -10.72
O2 PO4 L . -29.91 30.72 -11.74
O3 PO4 L . -30.96 32.37 -10.24
O4 PO4 L . -30.12 33.07 -12.48
P PO4 M . -15.53 31.28 24.77
O1 PO4 M . -14.19 31.01 24.10
O2 PO4 M . -16.31 29.96 24.74
O3 PO4 M . -15.29 31.71 26.20
O4 PO4 M . -16.24 32.40 24.04
P PO4 N . -23.82 28.54 28.77
O1 PO4 N . -23.39 28.64 30.22
O2 PO4 N . -24.11 27.09 28.48
O3 PO4 N . -22.73 28.97 27.83
O4 PO4 N . -25.03 29.43 28.53
#